data_2W37
#
_entry.id   2W37
#
_cell.length_a   156.805
_cell.length_b   156.805
_cell.length_c   80.623
_cell.angle_alpha   90.00
_cell.angle_beta   90.00
_cell.angle_gamma   120.00
#
_symmetry.space_group_name_H-M   'P 3 2 1'
#
loop_
_entity.id
_entity.type
_entity.pdbx_description
1 polymer 'ORNITHINE CARBAMOYLTRANSFERASE, CATABOLIC'
2 non-polymer 'NICKEL (II) ION'
3 water water
#
_entity_poly.entity_id   1
_entity_poly.type   'polypeptide(L)'
_entity_poly.pdbx_seq_one_letter_code
;MGGSHHHHHHGDDDDKMTKDFRQNVFQGRSVLAEKDFSAAELEYLIDFGLHLKALKKAGIPHHYLEGKNIALLFEKSSTR
TRSAFTTASIDLGAHPEYLGQNDIQLGKKESTSDTAKVLGSMFDGIEFRGFKQSDAEILARDSGVPVWNGLTDEWHPTQM
LADFMTVKENFGKLQGLTLTFMGDGRNNVANSLLVTGAILGVNIHIVAPKALFPTEETQNIAKGFAEKSGAKLVITDDLD
EGLKGSNVVYTDVWVSMGESNWEERVKELTPYQVNMEAMKKTGTPDDQLIFMHCLPAFHNTDTQYGKEIKEKYGITEMEV
TDEVFTSKYARQFEEAENRMHSIKAMMAATLGNLFIPRV
;
_entity_poly.pdbx_strand_id   A,B,C
#
loop_
_chem_comp.id
_chem_comp.type
_chem_comp.name
_chem_comp.formula
NI non-polymer 'NICKEL (II) ION' 'Ni 2'
#
# COMPACT_ATOMS: atom_id res chain seq x y z
N LYS A 19 17.95 15.87 33.83
CA LYS A 19 16.71 15.26 34.42
C LYS A 19 15.55 15.31 33.42
N ASP A 20 14.85 14.19 33.28
CA ASP A 20 13.71 14.10 32.36
C ASP A 20 12.41 14.48 33.06
N PHE A 21 11.87 15.65 32.71
CA PHE A 21 10.62 16.16 33.30
C PHE A 21 9.34 15.79 32.54
N ARG A 22 9.48 15.02 31.47
CA ARG A 22 8.33 14.47 30.75
C ARG A 22 7.58 13.51 31.65
N GLN A 23 6.27 13.71 31.76
CA GLN A 23 5.37 12.83 32.49
C GLN A 23 4.24 12.32 31.57
N ASN A 24 4.17 10.99 31.43
CA ASN A 24 3.11 10.32 30.67
C ASN A 24 3.16 8.83 30.95
N VAL A 25 2.19 8.33 31.72
CA VAL A 25 2.17 6.94 32.17
C VAL A 25 1.96 5.93 31.02
N PHE A 26 1.60 6.42 29.84
CA PHE A 26 1.36 5.54 28.67
C PHE A 26 2.50 5.54 27.66
N GLN A 27 3.27 6.64 27.63
CA GLN A 27 4.25 6.87 26.58
C GLN A 27 5.28 5.74 26.49
N GLY A 28 5.38 5.12 25.31
CA GLY A 28 6.37 4.09 25.04
C GLY A 28 5.90 2.68 25.36
N ARG A 29 4.72 2.59 25.99
CA ARG A 29 4.14 1.33 26.37
C ARG A 29 3.53 0.63 25.16
N SER A 30 3.60 -0.69 25.17
CA SER A 30 2.91 -1.45 24.14
C SER A 30 1.52 -1.80 24.68
N VAL A 31 0.62 -2.15 23.78
CA VAL A 31 -0.73 -2.57 24.12
C VAL A 31 -0.89 -3.92 23.41
N LEU A 32 -0.61 -4.99 24.15
CA LEU A 32 -0.62 -6.35 23.59
C LEU A 32 -1.80 -7.21 24.05
N ALA A 33 -2.27 -6.94 25.27
CA ALA A 33 -3.32 -7.70 25.94
C ALA A 33 -4.03 -6.76 26.90
N GLU A 34 -5.36 -6.76 26.86
CA GLU A 34 -6.11 -5.81 27.67
C GLU A 34 -5.98 -6.04 29.20
N LYS A 35 -5.62 -7.27 29.59
CA LYS A 35 -5.35 -7.57 31.02
C LYS A 35 -4.09 -6.91 31.58
N ASP A 36 -3.24 -6.35 30.71
CA ASP A 36 -2.06 -5.61 31.16
C ASP A 36 -2.38 -4.18 31.57
N PHE A 37 -3.66 -3.82 31.49
CA PHE A 37 -4.09 -2.47 31.81
C PHE A 37 -5.15 -2.50 32.91
N SER A 38 -5.06 -1.52 33.81
CA SER A 38 -6.00 -1.41 34.90
C SER A 38 -7.30 -0.82 34.38
N ALA A 39 -8.35 -0.96 35.17
CA ALA A 39 -9.64 -0.32 34.85
C ALA A 39 -9.48 1.18 34.57
N ALA A 40 -8.72 1.86 35.41
CA ALA A 40 -8.44 3.29 35.27
C ALA A 40 -7.74 3.63 33.94
N GLU A 41 -6.78 2.80 33.56
CA GLU A 41 -6.07 2.97 32.29
C GLU A 41 -6.98 2.73 31.07
N LEU A 42 -7.79 1.68 31.15
CA LEU A 42 -8.75 1.36 30.09
C LEU A 42 -9.79 2.46 29.90
N GLU A 43 -10.38 2.93 31.02
CA GLU A 43 -11.37 4.00 31.00
C GLU A 43 -10.80 5.31 30.48
N TYR A 44 -9.56 5.62 30.87
CA TYR A 44 -8.87 6.80 30.34
C TYR A 44 -8.85 6.79 28.81
N LEU A 45 -8.42 5.66 28.23
CA LEU A 45 -8.27 5.51 26.79
C LEU A 45 -9.62 5.56 26.09
N ILE A 46 -10.64 5.00 26.75
CA ILE A 46 -12.03 5.02 26.27
C ILE A 46 -12.55 6.47 26.21
N ASP A 47 -12.33 7.21 27.30
CA ASP A 47 -12.78 8.60 27.43
C ASP A 47 -12.03 9.50 26.47
N PHE A 48 -10.71 9.27 26.38
CA PHE A 48 -9.84 9.94 25.41
C PHE A 48 -10.37 9.73 23.98
N GLY A 49 -10.78 8.50 23.64
CA GLY A 49 -11.40 8.21 22.36
C GLY A 49 -12.66 9.02 22.07
N LEU A 50 -13.53 9.15 23.09
CA LEU A 50 -14.77 9.91 22.94
C LEU A 50 -14.48 11.41 22.78
N HIS A 51 -13.47 11.89 23.50
CA HIS A 51 -12.94 13.25 23.35
C HIS A 51 -12.45 13.52 21.91
N LEU A 52 -11.60 12.63 21.38
CA LEU A 52 -11.05 12.80 20.02
C LEU A 52 -12.11 12.64 18.93
N LYS A 53 -13.11 11.80 19.18
CA LYS A 53 -14.28 11.69 18.31
C LYS A 53 -14.98 13.06 18.20
N ALA A 54 -15.23 13.69 19.35
CA ALA A 54 -15.77 15.07 19.40
C ALA A 54 -14.89 16.08 18.67
N LEU A 55 -13.58 16.04 18.92
CA LEU A 55 -12.63 16.88 18.19
C LEU A 55 -12.73 16.72 16.65
N LYS A 56 -12.73 15.46 16.19
CA LYS A 56 -12.84 15.20 14.76
C LYS A 56 -14.15 15.69 14.14
N LYS A 57 -15.28 15.49 14.85
CA LYS A 57 -16.56 15.98 14.35
C LYS A 57 -16.54 17.50 14.17
N ALA A 58 -15.89 18.20 15.10
CA ALA A 58 -15.84 19.68 15.10
C ALA A 58 -14.76 20.30 14.21
N GLY A 59 -13.89 19.49 13.62
CA GLY A 59 -12.78 20.00 12.83
C GLY A 59 -11.59 20.56 13.61
N ILE A 60 -11.48 20.17 14.89
CA ILE A 60 -10.37 20.60 15.75
C ILE A 60 -9.11 19.73 15.52
N PRO A 61 -8.00 20.34 15.08
CA PRO A 61 -6.74 19.66 14.81
C PRO A 61 -6.14 18.98 16.04
N HIS A 62 -5.56 17.80 15.85
CA HIS A 62 -4.96 17.04 16.96
C HIS A 62 -3.84 16.15 16.39
N HIS A 63 -2.87 16.80 15.76
CA HIS A 63 -1.78 16.09 15.11
C HIS A 63 -0.67 15.76 16.12
N TYR A 64 -0.98 14.88 17.07
CA TYR A 64 -0.03 14.57 18.15
C TYR A 64 1.12 13.69 17.71
N LEU A 65 0.98 13.02 16.55
CA LEU A 65 2.06 12.19 15.97
C LEU A 65 2.63 12.83 14.70
N GLU A 66 2.54 14.15 14.63
CA GLU A 66 3.17 14.93 13.53
C GLU A 66 4.58 14.43 13.18
N GLY A 67 4.79 14.13 11.90
CA GLY A 67 6.09 13.68 11.39
C GLY A 67 6.47 12.21 11.53
N LYS A 68 5.64 11.42 12.21
CA LYS A 68 6.03 10.06 12.53
C LYS A 68 5.75 9.04 11.40
N ASN A 69 6.49 7.94 11.44
CA ASN A 69 6.28 6.80 10.55
C ASN A 69 5.78 5.62 11.36
N ILE A 70 4.77 4.92 10.85
CA ILE A 70 4.19 3.78 11.56
C ILE A 70 4.12 2.56 10.66
N ALA A 71 4.54 1.41 11.18
CA ALA A 71 4.43 0.17 10.40
C ALA A 71 3.16 -0.56 10.79
N LEU A 72 2.39 -0.98 9.79
CA LEU A 72 1.20 -1.77 10.03
C LEU A 72 1.42 -3.17 9.49
N LEU A 73 1.78 -4.10 10.40
CA LEU A 73 2.04 -5.51 10.05
C LEU A 73 0.75 -6.35 10.12
N PHE A 74 0.44 -7.06 9.05
CA PHE A 74 -0.67 -8.02 9.04
C PHE A 74 -0.18 -9.33 8.44
N GLU A 75 -0.12 -10.39 9.25
CA GLU A 75 0.20 -11.72 8.74
C GLU A 75 -1.01 -12.34 8.05
N LYS A 76 -2.19 -11.91 8.47
CA LYS A 76 -3.43 -12.27 7.81
C LYS A 76 -4.16 -10.98 7.49
N SER A 77 -4.83 -10.94 6.34
CA SER A 77 -5.59 -9.76 5.93
C SER A 77 -6.68 -9.40 6.95
N SER A 78 -6.67 -8.15 7.38
CA SER A 78 -7.64 -7.67 8.37
C SER A 78 -7.89 -6.20 8.03
N THR A 79 -8.65 -6.01 6.95
CA THR A 79 -8.79 -4.71 6.31
C THR A 79 -9.53 -3.62 7.13
N ARG A 80 -10.53 -4.01 7.91
CA ARG A 80 -11.21 -3.02 8.77
C ARG A 80 -10.25 -2.46 9.84
N THR A 81 -9.46 -3.35 10.45
CA THR A 81 -8.44 -2.95 11.42
C THR A 81 -7.37 -2.09 10.75
N ARG A 82 -6.98 -2.45 9.54
CA ARG A 82 -5.99 -1.67 8.81
C ARG A 82 -6.50 -0.24 8.58
N SER A 83 -7.75 -0.15 8.14
CA SER A 83 -8.39 1.11 7.81
C SER A 83 -8.54 2.01 9.02
N ALA A 84 -8.85 1.40 10.18
CA ALA A 84 -8.89 2.10 11.46
C ALA A 84 -7.51 2.65 11.85
N PHE A 85 -6.48 1.82 11.78
CA PHE A 85 -5.08 2.24 12.04
C PHE A 85 -4.59 3.31 11.05
N THR A 86 -4.97 3.17 9.77
CA THR A 86 -4.57 4.09 8.69
C THR A 86 -5.19 5.50 8.85
N THR A 87 -6.51 5.55 9.00
CA THR A 87 -7.20 6.82 9.12
C THR A 87 -6.84 7.49 10.43
N ALA A 88 -6.72 6.69 11.49
CA ALA A 88 -6.22 7.22 12.76
C ALA A 88 -4.83 7.86 12.66
N SER A 89 -3.91 7.23 11.92
CA SER A 89 -2.51 7.69 11.82
C SER A 89 -2.46 9.02 11.12
N ILE A 90 -3.21 9.09 10.02
CA ILE A 90 -3.32 10.29 9.20
C ILE A 90 -3.87 11.48 9.99
N ASP A 91 -4.98 11.29 10.71
CA ASP A 91 -5.57 12.33 11.57
C ASP A 91 -4.61 12.86 12.62
N LEU A 92 -3.76 11.96 13.14
CA LEU A 92 -2.73 12.32 14.12
C LEU A 92 -1.44 12.89 13.49
N GLY A 93 -1.32 12.86 12.16
CA GLY A 93 -0.16 13.40 11.46
C GLY A 93 0.96 12.41 11.20
N ALA A 94 0.68 11.11 11.41
CA ALA A 94 1.66 10.05 11.19
C ALA A 94 1.40 9.34 9.87
N HIS A 95 2.46 8.86 9.23
CA HIS A 95 2.23 8.12 8.01
C HIS A 95 2.32 6.61 8.17
N PRO A 96 1.20 5.89 7.87
CA PRO A 96 1.13 4.42 8.01
C PRO A 96 1.60 3.71 6.73
N GLU A 97 2.48 2.72 6.88
CA GLU A 97 2.69 1.81 5.75
C GLU A 97 2.24 0.37 6.03
N TYR A 98 1.42 -0.15 5.12
CA TYR A 98 0.87 -1.48 5.20
C TYR A 98 1.87 -2.55 4.78
N LEU A 99 2.24 -3.42 5.71
CA LEU A 99 3.05 -4.60 5.41
C LEU A 99 2.22 -5.86 5.67
N GLY A 100 1.64 -6.39 4.60
CA GLY A 100 0.80 -7.59 4.65
C GLY A 100 1.53 -8.91 4.53
N GLN A 101 0.76 -9.97 4.31
CA GLN A 101 1.30 -11.35 4.35
C GLN A 101 2.34 -11.71 3.28
N ASN A 102 2.25 -11.08 2.12
CA ASN A 102 3.25 -11.27 1.07
C ASN A 102 4.49 -10.41 1.30
N ASP A 103 4.36 -9.42 2.19
CA ASP A 103 5.41 -8.46 2.47
C ASP A 103 6.26 -8.86 3.67
N ILE A 104 5.65 -9.60 4.58
CA ILE A 104 6.30 -9.91 5.84
C ILE A 104 5.86 -11.28 6.38
N GLN A 105 6.84 -12.08 6.79
CA GLN A 105 6.59 -13.36 7.48
C GLN A 105 7.54 -13.47 8.67
N LEU A 106 7.04 -13.10 9.85
CA LEU A 106 7.88 -13.05 11.05
C LEU A 106 8.38 -14.43 11.49
N GLY A 107 9.68 -14.52 11.82
CA GLY A 107 10.31 -15.77 12.29
C GLY A 107 10.48 -16.88 11.23
N LYS A 108 10.21 -16.55 9.98
CA LYS A 108 10.27 -17.52 8.87
C LYS A 108 11.70 -17.67 8.34
N LYS A 109 12.24 -16.61 7.75
CA LYS A 109 13.61 -16.63 7.22
C LYS A 109 14.56 -15.68 7.96
N GLU A 110 14.00 -14.78 8.76
CA GLU A 110 14.77 -13.92 9.65
C GLU A 110 14.07 -14.02 10.99
N SER A 111 14.83 -14.07 12.09
CA SER A 111 14.22 -14.12 13.42
C SER A 111 13.37 -12.88 13.70
N THR A 112 12.26 -13.08 14.41
CA THR A 112 11.33 -12.00 14.76
C THR A 112 12.08 -10.88 15.49
N SER A 113 13.02 -11.28 16.34
CA SER A 113 13.87 -10.35 17.06
C SER A 113 14.73 -9.47 16.15
N ASP A 114 15.35 -10.05 15.13
CA ASP A 114 16.18 -9.27 14.19
C ASP A 114 15.33 -8.23 13.46
N THR A 115 14.15 -8.65 13.03
CA THR A 115 13.22 -7.80 12.28
C THR A 115 12.71 -6.65 13.15
N ALA A 116 12.28 -6.99 14.37
CA ALA A 116 11.86 -6.03 15.38
C ALA A 116 12.86 -4.88 15.51
N LYS A 117 14.13 -5.24 15.68
CA LYS A 117 15.21 -4.28 15.80
C LYS A 117 15.30 -3.37 14.59
N VAL A 118 15.19 -3.91 13.38
CA VAL A 118 15.29 -3.08 12.18
C VAL A 118 14.02 -2.21 11.97
N LEU A 119 12.84 -2.81 12.17
CA LEU A 119 11.58 -2.08 12.19
C LEU A 119 11.63 -0.93 13.17
N GLY A 120 12.06 -1.23 14.40
CA GLY A 120 12.23 -0.22 15.44
C GLY A 120 13.21 0.91 15.14
N SER A 121 14.23 0.63 14.32
CA SER A 121 15.21 1.64 13.98
C SER A 121 14.72 2.63 12.93
N MET A 122 13.70 2.22 12.15
CA MET A 122 13.12 3.08 11.08
C MET A 122 11.77 3.70 11.41
N PHE A 123 10.89 2.93 12.06
CA PHE A 123 9.52 3.34 12.37
C PHE A 123 9.39 3.79 13.84
N ASP A 124 8.39 4.61 14.10
CA ASP A 124 8.17 5.20 15.42
C ASP A 124 7.18 4.39 16.24
N GLY A 125 6.37 3.58 15.56
CA GLY A 125 5.38 2.74 16.19
C GLY A 125 5.08 1.57 15.27
N ILE A 126 4.65 0.47 15.88
CA ILE A 126 4.36 -0.74 15.11
C ILE A 126 2.99 -1.31 15.51
N GLU A 127 2.14 -1.49 14.52
CA GLU A 127 0.96 -2.32 14.68
C GLU A 127 1.30 -3.76 14.23
N PHE A 128 0.86 -4.74 15.01
CA PHE A 128 1.01 -6.14 14.64
C PHE A 128 -0.29 -6.92 14.72
N ARG A 129 -0.68 -7.50 13.59
CA ARG A 129 -1.80 -8.43 13.52
C ARG A 129 -1.24 -9.77 13.03
N GLY A 130 -1.37 -10.82 13.85
CA GLY A 130 -0.88 -12.15 13.45
C GLY A 130 -1.25 -13.19 14.47
N PHE A 131 -0.86 -14.44 14.24
CA PHE A 131 -1.37 -15.54 15.08
C PHE A 131 -0.75 -15.58 16.45
N LYS A 132 0.57 -15.50 16.52
CA LYS A 132 1.27 -15.73 17.76
C LYS A 132 1.37 -14.50 18.65
N GLN A 133 0.81 -14.59 19.85
CA GLN A 133 1.05 -13.59 20.90
C GLN A 133 2.54 -13.40 21.19
N SER A 134 3.28 -14.50 21.12
CA SER A 134 4.72 -14.50 21.34
C SER A 134 5.46 -13.62 20.34
N ASP A 135 4.98 -13.56 19.09
CA ASP A 135 5.55 -12.63 18.12
C ASP A 135 5.32 -11.18 18.56
N ALA A 136 4.13 -10.89 19.09
CA ALA A 136 3.78 -9.54 19.53
C ALA A 136 4.75 -9.08 20.62
N GLU A 137 5.09 -10.02 21.50
CA GLU A 137 5.91 -9.77 22.67
C GLU A 137 7.37 -9.50 22.33
N ILE A 138 7.89 -10.25 21.37
CA ILE A 138 9.26 -10.09 20.88
C ILE A 138 9.37 -8.72 20.20
N LEU A 139 8.42 -8.42 19.33
CA LEU A 139 8.29 -7.09 18.72
C LEU A 139 8.36 -6.02 19.81
N ALA A 140 7.50 -6.13 20.82
CA ALA A 140 7.51 -5.19 21.95
C ALA A 140 8.84 -5.17 22.70
N ARG A 141 9.46 -6.34 22.87
CA ARG A 141 10.71 -6.42 23.65
C ARG A 141 11.90 -5.82 22.91
N ASP A 142 11.95 -5.98 21.59
CA ASP A 142 13.18 -5.70 20.84
C ASP A 142 13.16 -4.49 19.89
N SER A 143 11.98 -3.92 19.63
CA SER A 143 11.86 -2.86 18.63
C SER A 143 12.27 -1.49 19.18
N GLY A 144 12.07 -1.31 20.49
CA GLY A 144 12.32 -0.03 21.16
C GLY A 144 11.25 1.03 20.92
N VAL A 145 10.10 0.61 20.33
CA VAL A 145 8.97 1.50 20.03
C VAL A 145 7.65 0.85 20.46
N PRO A 146 6.58 1.67 20.69
CA PRO A 146 5.30 1.04 21.02
C PRO A 146 4.81 0.09 19.93
N VAL A 147 4.35 -1.08 20.38
CA VAL A 147 3.72 -2.08 19.52
C VAL A 147 2.26 -2.23 19.94
N TRP A 148 1.34 -2.23 18.97
CA TRP A 148 -0.08 -2.40 19.26
C TRP A 148 -0.64 -3.65 18.60
N ASN A 149 -1.27 -4.50 19.41
CA ASN A 149 -1.82 -5.77 18.92
C ASN A 149 -3.15 -5.52 18.21
N GLY A 150 -3.14 -5.68 16.88
CA GLY A 150 -4.33 -5.49 16.04
C GLY A 150 -5.26 -6.70 15.97
N LEU A 151 -4.84 -7.81 16.62
CA LEU A 151 -5.55 -9.09 16.78
C LEU A 151 -4.53 -10.22 16.77
N THR A 152 -4.48 -10.99 17.86
CA THR A 152 -3.76 -12.28 17.86
C THR A 152 -4.75 -13.41 18.22
N ASP A 153 -4.26 -14.66 18.23
CA ASP A 153 -5.10 -15.79 18.66
C ASP A 153 -5.56 -15.62 20.09
N GLU A 154 -4.79 -14.87 20.89
CA GLU A 154 -5.05 -14.76 22.33
C GLU A 154 -5.84 -13.51 22.75
N TRP A 155 -5.59 -12.38 22.09
CA TRP A 155 -6.17 -11.11 22.54
C TRP A 155 -6.57 -10.21 21.39
N HIS A 156 -7.58 -9.38 21.66
CA HIS A 156 -8.03 -8.37 20.71
C HIS A 156 -8.29 -7.04 21.42
N PRO A 157 -7.22 -6.37 21.90
CA PRO A 157 -7.41 -5.15 22.68
C PRO A 157 -8.08 -3.96 21.97
N THR A 158 -7.82 -3.75 20.67
CA THR A 158 -8.40 -2.61 19.93
C THR A 158 -9.94 -2.71 19.77
N GLN A 159 -10.42 -3.92 19.48
CA GLN A 159 -11.85 -4.18 19.44
C GLN A 159 -12.50 -3.92 20.80
N MET A 160 -11.83 -4.33 21.88
CA MET A 160 -12.35 -4.08 23.23
C MET A 160 -12.47 -2.58 23.54
N LEU A 161 -11.44 -1.82 23.15
CA LEU A 161 -11.49 -0.37 23.38
C LEU A 161 -12.71 0.24 22.66
N ALA A 162 -12.87 -0.11 21.38
CA ALA A 162 -14.01 0.35 20.58
C ALA A 162 -15.34 -0.03 21.21
N ASP A 163 -15.44 -1.30 21.66
CA ASP A 163 -16.70 -1.87 22.16
C ASP A 163 -17.16 -1.18 23.43
N PHE A 164 -16.25 -1.00 24.38
CA PHE A 164 -16.64 -0.36 25.65
C PHE A 164 -16.82 1.15 25.51
N MET A 165 -16.11 1.75 24.56
CA MET A 165 -16.34 3.14 24.17
C MET A 165 -17.78 3.30 23.69
N THR A 166 -18.24 2.31 22.93
CA THR A 166 -19.59 2.32 22.34
C THR A 166 -20.64 2.17 23.45
N VAL A 167 -20.39 1.24 24.38
CA VAL A 167 -21.26 1.09 25.54
C VAL A 167 -21.34 2.41 26.33
N LYS A 168 -20.20 2.98 26.68
CA LYS A 168 -20.18 4.26 27.40
C LYS A 168 -20.79 5.43 26.62
N GLU A 169 -20.65 5.39 25.30
CA GLU A 169 -21.22 6.43 24.43
C GLU A 169 -22.75 6.47 24.55
N ASN A 170 -23.33 5.29 24.69
CA ASN A 170 -24.77 5.11 24.83
C ASN A 170 -25.34 5.25 26.26
N PHE A 171 -24.59 4.78 27.26
CA PHE A 171 -25.11 4.68 28.64
C PHE A 171 -24.47 5.63 29.65
N GLY A 172 -23.25 6.09 29.36
CA GLY A 172 -22.61 7.12 30.16
C GLY A 172 -21.75 6.70 31.34
N LYS A 173 -21.77 5.42 31.69
CA LYS A 173 -21.11 4.93 32.91
C LYS A 173 -21.11 3.41 32.90
N LEU A 174 -19.91 2.81 32.83
CA LEU A 174 -19.77 1.36 32.57
C LEU A 174 -20.10 0.41 33.73
N GLN A 175 -19.77 0.85 34.95
CA GLN A 175 -19.81 -0.02 36.11
C GLN A 175 -21.24 -0.44 36.45
N GLY A 176 -21.46 -1.75 36.53
CA GLY A 176 -22.77 -2.28 36.93
C GLY A 176 -23.74 -2.45 35.78
N LEU A 177 -23.31 -2.10 34.56
CA LEU A 177 -24.06 -2.42 33.35
C LEU A 177 -23.91 -3.91 33.06
N THR A 178 -24.81 -4.45 32.25
CA THR A 178 -24.72 -5.87 31.87
C THR A 178 -24.54 -6.05 30.36
N LEU A 179 -23.48 -6.75 29.97
CA LEU A 179 -23.28 -7.06 28.58
C LEU A 179 -23.38 -8.55 28.36
N THR A 180 -24.25 -8.95 27.42
CA THR A 180 -24.46 -10.35 27.11
C THR A 180 -23.94 -10.69 25.72
N PHE A 181 -22.97 -11.60 25.68
CA PHE A 181 -22.55 -12.18 24.43
C PHE A 181 -23.29 -13.49 24.15
N MET A 182 -23.87 -13.60 22.95
CA MET A 182 -24.56 -14.81 22.58
C MET A 182 -23.90 -15.53 21.40
N GLY A 183 -23.80 -16.85 21.51
CA GLY A 183 -23.28 -17.68 20.42
C GLY A 183 -22.08 -18.49 20.83
N ASP A 184 -20.96 -18.30 20.14
CA ASP A 184 -19.74 -19.04 20.44
C ASP A 184 -18.95 -18.39 21.59
N GLY A 185 -19.16 -18.91 22.80
CA GLY A 185 -18.51 -18.36 24.00
C GLY A 185 -17.04 -18.71 24.13
N ARG A 186 -16.48 -19.28 23.07
CA ARG A 186 -15.11 -19.72 23.07
C ARG A 186 -14.29 -18.97 22.01
N ASN A 187 -14.95 -18.20 21.16
CA ASN A 187 -14.20 -17.41 20.17
C ASN A 187 -13.50 -16.23 20.85
N ASN A 188 -12.49 -15.67 20.21
CA ASN A 188 -11.62 -14.82 20.99
C ASN A 188 -12.18 -13.44 21.35
N VAL A 189 -13.22 -13.00 20.65
CA VAL A 189 -13.94 -11.80 21.06
C VAL A 189 -14.74 -12.03 22.35
N ALA A 190 -15.45 -13.15 22.46
CA ALA A 190 -16.14 -13.48 23.71
C ALA A 190 -15.16 -13.61 24.87
N ASN A 191 -14.02 -14.24 24.65
CA ASN A 191 -12.97 -14.38 25.69
C ASN A 191 -12.50 -13.01 26.20
N SER A 192 -12.22 -12.11 25.24
CA SER A 192 -11.81 -10.72 25.52
C SER A 192 -12.88 -9.90 26.20
N LEU A 193 -14.14 -10.13 25.83
CA LEU A 193 -15.28 -9.39 26.42
C LEU A 193 -15.45 -9.75 27.89
N LEU A 194 -15.36 -11.05 28.16
CA LEU A 194 -15.42 -11.62 29.51
C LEU A 194 -14.30 -11.08 30.41
N VAL A 195 -13.07 -11.13 29.91
CA VAL A 195 -11.92 -10.59 30.65
C VAL A 195 -12.03 -9.08 30.80
N THR A 196 -12.33 -8.36 29.71
CA THR A 196 -12.33 -6.89 29.76
C THR A 196 -13.48 -6.33 30.58
N GLY A 197 -14.65 -6.95 30.47
CA GLY A 197 -15.81 -6.59 31.30
C GLY A 197 -15.52 -6.78 32.78
N ALA A 198 -14.85 -7.88 33.11
CA ALA A 198 -14.44 -8.15 34.49
C ALA A 198 -13.54 -7.06 35.05
N ILE A 199 -12.56 -6.61 34.26
CA ILE A 199 -11.64 -5.55 34.71
C ILE A 199 -12.38 -4.25 34.93
N LEU A 200 -13.34 -3.96 34.05
CA LEU A 200 -14.05 -2.68 34.05
C LEU A 200 -15.25 -2.58 35.00
N GLY A 201 -15.61 -3.70 35.63
CA GLY A 201 -16.76 -3.72 36.54
C GLY A 201 -18.11 -3.82 35.83
N VAL A 202 -18.08 -4.31 34.59
CA VAL A 202 -19.28 -4.57 33.81
C VAL A 202 -19.64 -6.04 34.00
N ASN A 203 -20.90 -6.31 34.32
CA ASN A 203 -21.39 -7.69 34.37
C ASN A 203 -21.34 -8.31 32.97
N ILE A 204 -20.86 -9.55 32.88
CA ILE A 204 -20.79 -10.24 31.59
C ILE A 204 -21.53 -11.57 31.61
N HIS A 205 -22.46 -11.73 30.66
CA HIS A 205 -23.10 -13.02 30.45
C HIS A 205 -22.61 -13.63 29.15
N ILE A 206 -22.15 -14.88 29.25
CA ILE A 206 -21.85 -15.68 28.08
C ILE A 206 -22.95 -16.74 27.90
N VAL A 207 -23.73 -16.61 26.82
CA VAL A 207 -24.85 -17.51 26.52
C VAL A 207 -24.50 -18.36 25.31
N ALA A 208 -24.00 -19.56 25.56
CA ALA A 208 -23.45 -20.44 24.54
C ALA A 208 -23.92 -21.87 24.77
N PRO A 209 -23.84 -22.74 23.73
CA PRO A 209 -23.93 -24.19 24.03
C PRO A 209 -22.78 -24.60 24.95
N LYS A 210 -22.99 -25.62 25.78
CA LYS A 210 -21.97 -26.10 26.73
C LYS A 210 -20.62 -26.39 26.09
N ALA A 211 -20.65 -27.03 24.92
CA ALA A 211 -19.43 -27.36 24.17
C ALA A 211 -18.57 -26.12 23.90
N LEU A 212 -19.24 -24.96 23.80
CA LEU A 212 -18.58 -23.71 23.46
C LEU A 212 -18.52 -22.70 24.62
N PHE A 213 -18.73 -23.17 25.85
CA PHE A 213 -18.52 -22.34 27.04
C PHE A 213 -17.05 -21.91 27.00
N PRO A 214 -16.71 -20.72 27.55
CA PRO A 214 -15.29 -20.42 27.65
C PRO A 214 -14.53 -21.49 28.44
N THR A 215 -13.25 -21.68 28.12
CA THR A 215 -12.40 -22.61 28.86
C THR A 215 -12.28 -22.21 30.33
N GLU A 216 -11.88 -23.17 31.15
CA GLU A 216 -11.59 -22.90 32.56
C GLU A 216 -10.49 -21.84 32.72
N GLU A 217 -9.48 -21.90 31.86
CA GLU A 217 -8.38 -20.92 31.88
C GLU A 217 -8.85 -19.48 31.68
N THR A 218 -9.76 -19.28 30.72
CA THR A 218 -10.34 -17.97 30.43
C THR A 218 -11.26 -17.50 31.56
N GLN A 219 -12.11 -18.40 32.04
CA GLN A 219 -13.05 -18.07 33.12
C GLN A 219 -12.31 -17.68 34.37
N ASN A 220 -11.19 -18.36 34.63
CA ASN A 220 -10.33 -18.07 35.80
C ASN A 220 -9.66 -16.71 35.76
N ILE A 221 -9.17 -16.32 34.59
CA ILE A 221 -8.59 -14.98 34.40
C ILE A 221 -9.67 -13.93 34.65
N ALA A 222 -10.86 -14.15 34.10
CA ALA A 222 -11.96 -13.23 34.28
C ALA A 222 -12.45 -13.18 35.75
N LYS A 223 -12.57 -14.35 36.37
CA LYS A 223 -12.99 -14.46 37.79
C LYS A 223 -12.02 -13.71 38.71
N GLY A 224 -10.73 -13.86 38.46
CA GLY A 224 -9.72 -13.11 39.22
C GLY A 224 -9.94 -11.62 39.20
N PHE A 225 -10.14 -11.07 38.00
CA PHE A 225 -10.37 -9.63 37.87
C PHE A 225 -11.74 -9.21 38.42
N ALA A 226 -12.76 -10.04 38.20
CA ALA A 226 -14.13 -9.72 38.64
C ALA A 226 -14.26 -9.65 40.16
N GLU A 227 -13.46 -10.43 40.87
CA GLU A 227 -13.58 -10.45 42.32
C GLU A 227 -13.07 -9.14 42.93
N LYS A 228 -12.20 -8.45 42.18
CA LYS A 228 -11.69 -7.14 42.59
C LYS A 228 -12.50 -5.94 42.08
N SER A 229 -13.26 -6.13 41.00
CA SER A 229 -14.07 -5.06 40.40
C SER A 229 -15.52 -5.13 40.86
N GLY A 230 -15.95 -6.31 41.29
CA GLY A 230 -17.35 -6.53 41.63
C GLY A 230 -18.24 -6.86 40.44
N ALA A 231 -17.64 -7.20 39.30
CA ALA A 231 -18.40 -7.71 38.15
C ALA A 231 -18.99 -9.09 38.41
N LYS A 232 -20.24 -9.28 38.00
CA LYS A 232 -20.87 -10.60 38.03
C LYS A 232 -20.73 -11.27 36.67
N LEU A 233 -20.34 -12.53 36.68
CA LEU A 233 -20.11 -13.27 35.43
C LEU A 233 -20.99 -14.52 35.41
N VAL A 234 -21.82 -14.65 34.38
CA VAL A 234 -22.69 -15.82 34.20
C VAL A 234 -22.33 -16.54 32.91
N ILE A 235 -22.05 -17.84 33.02
CA ILE A 235 -21.77 -18.68 31.86
C ILE A 235 -22.88 -19.74 31.77
N THR A 236 -23.71 -19.65 30.74
CA THR A 236 -24.95 -20.44 30.66
C THR A 236 -25.34 -20.85 29.24
N ASP A 237 -26.07 -21.96 29.14
CA ASP A 237 -26.67 -22.36 27.86
C ASP A 237 -28.17 -22.10 27.82
N ASP A 238 -28.66 -21.48 28.89
CA ASP A 238 -30.06 -21.10 29.00
C ASP A 238 -30.27 -19.63 28.60
N LEU A 239 -30.98 -19.42 27.50
CA LEU A 239 -31.28 -18.09 26.96
C LEU A 239 -31.92 -17.16 27.96
N ASP A 240 -32.95 -17.68 28.64
CA ASP A 240 -33.78 -16.87 29.54
C ASP A 240 -33.01 -16.46 30.77
N GLU A 241 -32.21 -17.38 31.31
CA GLU A 241 -31.30 -17.04 32.38
C GLU A 241 -30.27 -16.01 31.90
N GLY A 242 -29.64 -16.29 30.76
CA GLY A 242 -28.55 -15.45 30.23
C GLY A 242 -28.91 -14.03 29.83
N LEU A 243 -30.04 -13.88 29.14
CA LEU A 243 -30.43 -12.59 28.56
C LEU A 243 -31.01 -11.61 29.55
N LYS A 244 -31.66 -12.11 30.60
CA LYS A 244 -32.37 -11.26 31.55
C LYS A 244 -31.45 -10.19 32.13
N GLY A 245 -31.88 -8.93 32.03
CA GLY A 245 -31.16 -7.80 32.61
C GLY A 245 -30.09 -7.18 31.72
N SER A 246 -29.91 -7.71 30.51
CA SER A 246 -28.87 -7.22 29.61
C SER A 246 -29.09 -5.79 29.18
N ASN A 247 -28.03 -4.99 29.20
CA ASN A 247 -28.04 -3.68 28.58
C ASN A 247 -27.51 -3.77 27.16
N VAL A 248 -26.64 -4.74 26.94
CA VAL A 248 -26.07 -5.00 25.62
C VAL A 248 -26.28 -6.45 25.26
N VAL A 249 -26.81 -6.69 24.07
CA VAL A 249 -26.77 -8.00 23.46
C VAL A 249 -25.74 -7.96 22.32
N TYR A 250 -24.74 -8.83 22.38
CA TYR A 250 -23.60 -8.83 21.48
C TYR A 250 -23.47 -10.20 20.81
N THR A 251 -23.17 -10.20 19.52
CA THR A 251 -22.87 -11.46 18.86
C THR A 251 -21.82 -11.37 17.77
N ASP A 252 -21.54 -12.52 17.15
CA ASP A 252 -20.44 -12.69 16.22
C ASP A 252 -20.77 -13.96 15.44
N VAL A 253 -20.01 -14.22 14.38
CA VAL A 253 -20.33 -15.30 13.45
C VAL A 253 -20.17 -16.66 14.11
N TRP A 254 -20.99 -17.62 13.67
CA TRP A 254 -20.88 -18.99 14.17
C TRP A 254 -19.76 -19.77 13.47
N VAL A 255 -19.56 -19.48 12.19
CA VAL A 255 -18.65 -20.27 11.35
C VAL A 255 -17.78 -19.43 10.41
N SER A 256 -16.67 -20.02 9.95
CA SER A 256 -15.76 -19.41 8.98
C SER A 256 -15.97 -19.92 7.55
N MET A 257 -15.14 -19.41 6.64
CA MET A 257 -15.09 -19.87 5.25
C MET A 257 -14.61 -21.31 5.17
N GLY A 258 -15.51 -22.22 4.81
CA GLY A 258 -15.22 -23.66 4.76
C GLY A 258 -14.51 -24.22 6.00
N GLU A 259 -14.96 -23.77 7.17
CA GLU A 259 -14.45 -24.26 8.46
C GLU A 259 -14.78 -25.75 8.64
N SER A 260 -13.95 -26.42 9.44
CA SER A 260 -14.20 -27.82 9.83
C SER A 260 -15.46 -27.87 10.71
N ASN A 261 -16.01 -29.07 10.90
CA ASN A 261 -17.26 -29.29 11.65
C ASN A 261 -18.33 -28.18 11.51
N TRP A 262 -18.42 -27.64 10.29
CA TRP A 262 -19.32 -26.54 9.92
C TRP A 262 -20.78 -26.77 10.32
N GLU A 263 -21.32 -27.92 9.96
CA GLU A 263 -22.73 -28.23 10.18
C GLU A 263 -23.00 -28.47 11.66
N GLU A 264 -22.03 -29.08 12.33
CA GLU A 264 -22.14 -29.40 13.75
C GLU A 264 -22.16 -28.11 14.57
N ARG A 265 -21.32 -27.15 14.17
CA ARG A 265 -21.27 -25.85 14.82
C ARG A 265 -22.58 -25.08 14.60
N VAL A 266 -23.01 -25.01 13.34
CA VAL A 266 -24.28 -24.37 13.00
C VAL A 266 -25.42 -25.03 13.78
N LYS A 267 -25.45 -26.36 13.79
CA LYS A 267 -26.52 -27.06 14.50
C LYS A 267 -26.60 -26.61 15.97
N GLU A 268 -25.47 -26.67 16.68
CA GLU A 268 -25.48 -26.32 18.11
C GLU A 268 -25.71 -24.82 18.37
N LEU A 269 -25.24 -23.97 17.46
CA LEU A 269 -25.33 -22.51 17.63
C LEU A 269 -26.70 -21.89 17.29
N THR A 270 -27.45 -22.52 16.38
CA THR A 270 -28.72 -21.91 15.89
C THR A 270 -29.78 -21.50 16.95
N PRO A 271 -29.88 -22.23 18.09
CA PRO A 271 -30.76 -21.71 19.17
C PRO A 271 -30.32 -20.37 19.79
N TYR A 272 -29.08 -19.93 19.53
CA TYR A 272 -28.49 -18.75 20.20
C TYR A 272 -28.45 -17.51 19.31
N GLN A 273 -29.18 -17.59 18.20
CA GLN A 273 -29.34 -16.47 17.29
C GLN A 273 -29.97 -15.30 18.02
N VAL A 274 -29.42 -14.11 17.80
CA VAL A 274 -30.04 -12.89 18.28
C VAL A 274 -31.17 -12.52 17.31
N ASN A 275 -32.40 -12.78 17.74
CA ASN A 275 -33.59 -12.34 17.02
C ASN A 275 -34.38 -11.42 17.94
N MET A 276 -35.52 -10.91 17.48
CA MET A 276 -36.31 -9.98 18.28
C MET A 276 -36.86 -10.57 19.58
N GLU A 277 -37.10 -11.88 19.59
CA GLU A 277 -37.52 -12.58 20.80
C GLU A 277 -36.41 -12.53 21.84
N ALA A 278 -35.17 -12.77 21.41
CA ALA A 278 -34.01 -12.68 22.31
C ALA A 278 -33.91 -11.29 22.94
N MET A 279 -34.08 -10.25 22.12
CA MET A 279 -34.10 -8.88 22.61
C MET A 279 -35.21 -8.66 23.64
N LYS A 280 -36.35 -9.32 23.44
CA LYS A 280 -37.45 -9.27 24.38
C LYS A 280 -37.15 -9.99 25.70
N LYS A 281 -36.50 -11.15 25.61
CA LYS A 281 -36.10 -11.96 26.77
C LYS A 281 -35.29 -11.21 27.85
N THR A 282 -34.72 -10.05 27.49
CA THR A 282 -33.90 -9.28 28.42
C THR A 282 -34.77 -8.60 29.47
N GLY A 283 -36.01 -8.28 29.10
CA GLY A 283 -36.90 -7.51 29.95
C GLY A 283 -36.46 -6.06 30.14
N THR A 284 -35.44 -5.66 29.39
CA THR A 284 -34.86 -4.33 29.53
C THR A 284 -35.68 -3.30 28.75
N PRO A 285 -35.95 -2.13 29.35
CA PRO A 285 -36.64 -1.07 28.63
C PRO A 285 -35.88 -0.64 27.37
N ASP A 286 -36.62 -0.22 26.35
CA ASP A 286 -36.05 0.23 25.09
C ASP A 286 -34.90 1.24 25.18
N ASP A 287 -34.99 2.17 26.13
CA ASP A 287 -33.98 3.22 26.28
C ASP A 287 -32.73 2.76 27.04
N GLN A 288 -32.66 1.47 27.39
CA GLN A 288 -31.54 0.92 28.17
C GLN A 288 -30.96 -0.35 27.52
N LEU A 289 -31.24 -0.53 26.23
CA LEU A 289 -30.84 -1.74 25.53
C LEU A 289 -30.27 -1.46 24.12
N ILE A 290 -29.13 -2.07 23.82
CA ILE A 290 -28.52 -1.96 22.50
C ILE A 290 -28.02 -3.30 22.00
N PHE A 291 -27.86 -3.41 20.67
CA PHE A 291 -27.27 -4.56 20.01
C PHE A 291 -25.89 -4.23 19.40
N MET A 292 -24.96 -5.17 19.58
CA MET A 292 -23.61 -4.99 19.09
C MET A 292 -23.16 -6.24 18.37
N HIS A 293 -22.25 -6.03 17.42
CA HIS A 293 -21.70 -7.10 16.61
C HIS A 293 -20.40 -6.57 16.04
N CYS A 294 -19.30 -7.28 16.27
CA CYS A 294 -17.98 -6.80 15.82
C CYS A 294 -17.78 -6.79 14.29
N LEU A 295 -18.69 -7.44 13.56
CA LEU A 295 -18.70 -7.53 12.10
C LEU A 295 -17.56 -8.38 11.52
N PRO A 296 -17.72 -8.93 10.31
CA PRO A 296 -18.89 -8.98 9.44
C PRO A 296 -20.02 -9.82 10.05
N ALA A 297 -21.25 -9.48 9.69
CA ALA A 297 -22.43 -10.19 10.15
C ALA A 297 -23.16 -10.87 8.99
N PHE A 298 -23.56 -12.14 9.19
CA PHE A 298 -24.45 -12.85 8.27
C PHE A 298 -25.89 -12.61 8.76
N HIS A 299 -26.52 -11.55 8.24
CA HIS A 299 -27.86 -11.11 8.69
C HIS A 299 -28.85 -11.14 7.53
N ASN A 300 -28.34 -11.48 6.35
CA ASN A 300 -29.15 -11.63 5.15
C ASN A 300 -28.37 -12.38 4.09
N THR A 301 -28.90 -12.35 2.88
CA THR A 301 -28.37 -13.19 1.82
C THR A 301 -27.74 -12.32 0.69
N ASP A 302 -27.40 -11.07 1.06
CA ASP A 302 -26.80 -10.06 0.18
C ASP A 302 -25.34 -10.28 -0.18
N THR A 303 -24.84 -11.49 -0.01
CA THR A 303 -23.44 -11.81 -0.28
C THR A 303 -23.36 -13.10 -1.09
N GLN A 304 -22.21 -13.32 -1.74
CA GLN A 304 -21.95 -14.56 -2.43
C GLN A 304 -22.02 -15.77 -1.47
N TYR A 305 -21.37 -15.64 -0.32
CA TYR A 305 -21.40 -16.66 0.73
C TYR A 305 -22.84 -16.91 1.19
N GLY A 306 -23.56 -15.83 1.49
CA GLY A 306 -24.97 -15.89 1.88
C GLY A 306 -25.85 -16.68 0.92
N LYS A 307 -25.69 -16.44 -0.39
CA LYS A 307 -26.42 -17.14 -1.43
C LYS A 307 -26.11 -18.63 -1.40
N GLU A 308 -24.83 -18.96 -1.24
CA GLU A 308 -24.35 -20.35 -1.29
C GLU A 308 -24.86 -21.18 -0.12
N ILE A 309 -24.82 -20.59 1.07
CA ILE A 309 -25.32 -21.20 2.28
C ILE A 309 -26.82 -21.48 2.17
N LYS A 310 -27.55 -20.57 1.53
CA LYS A 310 -28.98 -20.72 1.35
C LYS A 310 -29.29 -21.87 0.38
N GLU A 311 -28.64 -21.84 -0.78
CA GLU A 311 -28.80 -22.87 -1.80
C GLU A 311 -28.49 -24.26 -1.28
N LYS A 312 -27.66 -24.36 -0.23
CA LYS A 312 -27.26 -25.66 0.32
C LYS A 312 -28.03 -26.07 1.58
N TYR A 313 -28.41 -25.08 2.40
CA TYR A 313 -29.08 -25.34 3.69
C TYR A 313 -30.43 -24.63 3.88
N GLY A 314 -30.77 -23.72 2.96
CA GLY A 314 -31.99 -22.90 3.10
C GLY A 314 -31.91 -21.84 4.19
N ILE A 315 -30.74 -21.69 4.81
CA ILE A 315 -30.49 -20.73 5.87
C ILE A 315 -30.43 -19.32 5.29
N THR A 316 -31.08 -18.38 5.95
CA THR A 316 -31.28 -17.04 5.39
C THR A 316 -30.59 -15.94 6.22
N GLU A 317 -30.43 -16.24 7.52
CA GLU A 317 -29.74 -15.42 8.50
C GLU A 317 -29.01 -16.37 9.43
N MET A 318 -27.94 -15.91 10.06
CA MET A 318 -27.31 -16.73 11.07
C MET A 318 -27.36 -16.10 12.44
N GLU A 319 -26.22 -15.66 12.97
CA GLU A 319 -26.12 -15.17 14.35
C GLU A 319 -27.05 -13.99 14.72
N VAL A 320 -27.47 -13.21 13.73
CA VAL A 320 -28.45 -12.15 13.98
C VAL A 320 -29.42 -12.07 12.80
N THR A 321 -30.69 -11.78 13.12
CA THR A 321 -31.68 -11.57 12.09
C THR A 321 -31.50 -10.17 11.52
N ASP A 322 -31.95 -9.97 10.29
CA ASP A 322 -31.94 -8.67 9.65
C ASP A 322 -32.80 -7.70 10.42
N GLU A 323 -33.91 -8.20 10.96
CA GLU A 323 -34.82 -7.37 11.75
C GLU A 323 -34.08 -6.69 12.91
N VAL A 324 -33.27 -7.44 13.63
CA VAL A 324 -32.50 -6.90 14.76
C VAL A 324 -31.36 -6.01 14.25
N PHE A 325 -30.64 -6.49 13.25
CA PHE A 325 -29.55 -5.73 12.63
C PHE A 325 -29.99 -4.33 12.20
N THR A 326 -31.23 -4.20 11.72
CA THR A 326 -31.72 -2.92 11.18
C THR A 326 -32.67 -2.18 12.11
N SER A 327 -32.85 -2.72 13.32
CA SER A 327 -33.77 -2.19 14.31
C SER A 327 -33.17 -1.01 15.07
N LYS A 328 -33.96 -0.43 15.96
CA LYS A 328 -33.51 0.72 16.75
C LYS A 328 -32.46 0.37 17.82
N TYR A 329 -32.31 -0.91 18.14
CA TYR A 329 -31.27 -1.37 19.06
C TYR A 329 -29.86 -1.33 18.45
N ALA A 330 -29.77 -1.28 17.12
CA ALA A 330 -28.50 -1.45 16.40
C ALA A 330 -27.47 -0.36 16.67
N ARG A 331 -26.27 -0.77 17.09
CA ARG A 331 -25.15 0.15 17.32
C ARG A 331 -23.86 -0.34 16.66
N GLN A 332 -23.94 -1.45 15.93
CA GLN A 332 -22.77 -2.04 15.27
C GLN A 332 -22.00 -1.13 14.28
N PHE A 333 -22.70 -0.20 13.63
CA PHE A 333 -22.03 0.78 12.78
C PHE A 333 -21.26 1.89 13.54
N GLU A 334 -21.87 2.41 14.61
CA GLU A 334 -21.17 3.29 15.55
C GLU A 334 -19.95 2.59 16.16
N GLU A 335 -20.15 1.34 16.57
CA GLU A 335 -19.10 0.45 17.07
C GLU A 335 -17.95 0.28 16.07
N ALA A 336 -18.26 0.05 14.80
CA ALA A 336 -17.22 -0.09 13.79
C ALA A 336 -16.48 1.23 13.51
N GLU A 337 -17.18 2.36 13.54
CA GLU A 337 -16.52 3.68 13.46
C GLU A 337 -15.58 3.88 14.65
N ASN A 338 -16.06 3.49 15.84
CA ASN A 338 -15.28 3.60 17.08
C ASN A 338 -14.00 2.80 17.09
N ARG A 339 -13.86 1.83 16.16
CA ARG A 339 -12.59 1.13 15.95
C ARG A 339 -11.48 2.16 15.78
N MET A 340 -11.81 3.19 15.00
CA MET A 340 -10.87 4.20 14.59
C MET A 340 -10.61 5.18 15.73
N HIS A 341 -11.69 5.69 16.32
CA HIS A 341 -11.55 6.69 17.37
C HIS A 341 -10.76 6.12 18.55
N SER A 342 -10.98 4.85 18.86
CA SER A 342 -10.32 4.19 20.00
C SER A 342 -8.86 3.87 19.73
N ILE A 343 -8.55 3.36 18.55
CA ILE A 343 -7.16 3.18 18.12
C ILE A 343 -6.41 4.53 18.13
N LYS A 344 -7.10 5.61 17.77
CA LYS A 344 -6.49 6.93 17.75
C LYS A 344 -6.05 7.38 19.15
N ALA A 345 -6.91 7.16 20.15
CA ALA A 345 -6.59 7.52 21.52
C ALA A 345 -5.42 6.67 22.03
N MET A 346 -5.48 5.38 21.71
CA MET A 346 -4.44 4.43 22.08
C MET A 346 -3.04 4.82 21.53
N MET A 347 -2.93 5.07 20.22
CA MET A 347 -1.69 5.55 19.58
C MET A 347 -1.22 6.92 20.11
N ALA A 348 -2.17 7.84 20.33
CA ALA A 348 -1.86 9.16 20.89
C ALA A 348 -1.34 9.14 22.33
N ALA A 349 -1.94 8.29 23.18
CA ALA A 349 -1.51 8.18 24.60
C ALA A 349 -0.10 7.65 24.70
N THR A 350 0.24 6.85 23.72
CA THR A 350 1.31 5.88 23.80
C THR A 350 2.54 6.39 23.03
N LEU A 351 2.31 7.32 22.09
CA LEU A 351 3.37 7.78 21.18
C LEU A 351 3.44 9.31 20.97
N GLY A 352 2.39 10.04 21.36
CA GLY A 352 2.32 11.49 21.10
C GLY A 352 3.07 12.42 22.04
N ASN A 353 3.73 11.87 23.07
CA ASN A 353 4.51 12.66 24.03
C ASN A 353 3.66 13.72 24.71
N LEU A 354 2.39 13.41 24.86
CA LEU A 354 1.43 14.23 25.57
C LEU A 354 1.76 14.20 27.04
N PHE A 355 1.36 15.25 27.74
CA PHE A 355 1.53 15.33 29.19
C PHE A 355 0.36 14.61 29.87
N ILE A 356 0.66 13.51 30.54
CA ILE A 356 -0.33 12.67 31.20
C ILE A 356 0.32 12.26 32.53
N PRO A 357 0.31 13.16 33.52
CA PRO A 357 1.01 12.86 34.78
C PRO A 357 0.37 11.71 35.57
N ARG A 358 -0.94 11.51 35.37
CA ARG A 358 -1.73 10.59 36.18
C ARG A 358 -2.90 10.02 35.39
N VAL A 359 -3.28 8.78 35.68
CA VAL A 359 -4.46 8.19 35.08
C VAL A 359 -5.69 8.34 36.02
N LYS B 19 -28.74 27.75 9.38
CA LYS B 19 -28.87 28.07 7.92
C LYS B 19 -27.50 27.86 7.27
N ASP B 20 -27.47 27.00 6.25
CA ASP B 20 -26.25 26.69 5.53
C ASP B 20 -26.14 27.60 4.31
N PHE B 21 -25.13 28.48 4.34
CA PHE B 21 -24.89 29.41 3.24
C PHE B 21 -23.83 28.85 2.28
N ARG B 22 -23.47 27.58 2.47
CA ARG B 22 -22.56 26.91 1.56
C ARG B 22 -23.24 26.63 0.22
N GLN B 23 -22.54 26.99 -0.86
CA GLN B 23 -23.04 26.80 -2.20
C GLN B 23 -22.01 26.06 -3.05
N ASN B 24 -22.38 24.86 -3.48
CA ASN B 24 -21.55 24.08 -4.37
C ASN B 24 -22.37 22.95 -4.97
N VAL B 25 -22.56 23.01 -6.28
CA VAL B 25 -23.44 22.07 -6.97
C VAL B 25 -22.84 20.65 -7.05
N PHE B 26 -21.55 20.55 -6.82
CA PHE B 26 -20.85 19.27 -6.92
C PHE B 26 -20.59 18.62 -5.55
N GLN B 27 -20.55 19.45 -4.50
CA GLN B 27 -20.11 19.01 -3.20
C GLN B 27 -20.96 17.83 -2.69
N GLY B 28 -20.29 16.70 -2.41
CA GLY B 28 -20.95 15.54 -1.87
C GLY B 28 -21.53 14.59 -2.91
N ARG B 29 -21.54 15.02 -4.18
CA ARG B 29 -22.02 14.18 -5.29
C ARG B 29 -21.02 13.08 -5.64
N SER B 30 -21.56 11.93 -6.03
CA SER B 30 -20.75 10.85 -6.57
C SER B 30 -20.67 10.97 -8.09
N VAL B 31 -19.68 10.30 -8.68
CA VAL B 31 -19.43 10.37 -10.13
C VAL B 31 -19.36 8.92 -10.58
N LEU B 32 -20.51 8.40 -10.93
CA LEU B 32 -20.64 6.98 -11.19
C LEU B 32 -20.82 6.75 -12.69
N ALA B 33 -21.38 7.74 -13.38
CA ALA B 33 -21.78 7.61 -14.77
C ALA B 33 -21.80 8.98 -15.45
N GLU B 34 -21.14 9.08 -16.60
CA GLU B 34 -21.05 10.35 -17.31
C GLU B 34 -22.42 10.87 -17.76
N LYS B 35 -23.37 9.97 -18.03
CA LYS B 35 -24.78 10.35 -18.28
C LYS B 35 -25.44 11.14 -17.15
N ASP B 36 -24.91 11.03 -15.93
CA ASP B 36 -25.52 11.72 -14.78
C ASP B 36 -25.12 13.19 -14.66
N PHE B 37 -24.39 13.67 -15.66
CA PHE B 37 -23.88 15.03 -15.67
C PHE B 37 -24.25 15.74 -16.95
N SER B 38 -24.60 17.01 -16.80
CA SER B 38 -24.95 17.83 -17.93
C SER B 38 -23.68 18.25 -18.66
N ALA B 39 -23.84 18.74 -19.89
CA ALA B 39 -22.71 19.18 -20.67
C ALA B 39 -22.00 20.30 -19.93
N ALA B 40 -22.76 21.25 -19.36
CA ALA B 40 -22.18 22.34 -18.60
C ALA B 40 -21.38 21.88 -17.37
N GLU B 41 -21.88 20.86 -16.67
CA GLU B 41 -21.15 20.27 -15.54
C GLU B 41 -19.88 19.54 -15.98
N LEU B 42 -19.96 18.81 -17.08
CA LEU B 42 -18.79 18.13 -17.65
C LEU B 42 -17.70 19.12 -18.13
N GLU B 43 -18.12 20.16 -18.83
CA GLU B 43 -17.22 21.24 -19.27
C GLU B 43 -16.56 21.95 -18.10
N TYR B 44 -17.33 22.22 -17.05
CA TYR B 44 -16.76 22.82 -15.84
C TYR B 44 -15.62 21.97 -15.30
N LEU B 45 -15.84 20.66 -15.18
CA LEU B 45 -14.84 19.75 -14.63
C LEU B 45 -13.61 19.60 -15.55
N ILE B 46 -13.84 19.63 -16.85
CA ILE B 46 -12.75 19.61 -17.85
C ILE B 46 -11.90 20.87 -17.71
N ASP B 47 -12.57 22.03 -17.72
CA ASP B 47 -11.89 23.33 -17.61
C ASP B 47 -11.16 23.46 -16.28
N PHE B 48 -11.77 22.95 -15.21
CA PHE B 48 -11.17 22.95 -13.86
C PHE B 48 -9.88 22.10 -13.89
N GLY B 49 -9.93 20.96 -14.59
CA GLY B 49 -8.76 20.10 -14.78
C GLY B 49 -7.60 20.83 -15.46
N LEU B 50 -7.95 21.58 -16.51
CA LEU B 50 -6.95 22.39 -17.23
C LEU B 50 -6.42 23.54 -16.36
N HIS B 51 -7.31 24.13 -15.58
CA HIS B 51 -6.92 25.17 -14.63
C HIS B 51 -5.96 24.57 -13.62
N LEU B 52 -6.29 23.40 -13.09
CA LEU B 52 -5.41 22.79 -12.07
C LEU B 52 -4.10 22.29 -12.63
N LYS B 53 -4.09 21.85 -13.89
CA LYS B 53 -2.84 21.43 -14.55
C LYS B 53 -1.85 22.60 -14.59
N ALA B 54 -2.34 23.78 -14.95
CA ALA B 54 -1.56 25.03 -14.92
C ALA B 54 -0.98 25.32 -13.54
N LEU B 55 -1.84 25.27 -12.51
CA LEU B 55 -1.41 25.50 -11.13
C LEU B 55 -0.25 24.62 -10.69
N LYS B 56 -0.38 23.32 -10.96
CA LYS B 56 0.65 22.37 -10.58
C LYS B 56 1.98 22.66 -11.31
N LYS B 57 1.90 22.92 -12.62
CA LYS B 57 3.04 23.37 -13.44
C LYS B 57 3.76 24.58 -12.83
N ALA B 58 2.97 25.50 -12.26
CA ALA B 58 3.50 26.74 -11.69
C ALA B 58 3.89 26.60 -10.22
N GLY B 59 3.62 25.44 -9.62
CA GLY B 59 3.84 25.23 -8.19
C GLY B 59 2.94 26.07 -7.29
N ILE B 60 1.79 26.49 -7.81
CA ILE B 60 0.78 27.15 -6.99
C ILE B 60 -0.01 26.12 -6.15
N PRO B 61 0.02 26.26 -4.81
CA PRO B 61 -0.66 25.35 -3.88
C PRO B 61 -2.18 25.27 -4.09
N HIS B 62 -2.73 24.07 -3.91
CA HIS B 62 -4.18 23.87 -3.99
C HIS B 62 -4.61 22.70 -3.13
N HIS B 63 -4.26 22.79 -1.83
CA HIS B 63 -4.57 21.71 -0.90
C HIS B 63 -6.02 21.76 -0.42
N TYR B 64 -6.96 21.59 -1.35
CA TYR B 64 -8.39 21.68 -1.07
C TYR B 64 -8.95 20.52 -0.22
N LEU B 65 -8.21 19.42 -0.11
CA LEU B 65 -8.69 18.24 0.63
C LEU B 65 -7.76 17.99 1.80
N GLU B 66 -7.15 19.09 2.27
CA GLU B 66 -6.27 19.05 3.43
C GLU B 66 -6.83 18.25 4.61
N GLY B 67 -6.04 17.32 5.14
CA GLY B 67 -6.48 16.56 6.31
C GLY B 67 -7.36 15.37 6.02
N LYS B 68 -7.81 15.19 4.76
CA LYS B 68 -8.74 14.08 4.44
C LYS B 68 -8.12 12.70 4.21
N ASN B 69 -8.95 11.67 4.36
CA ASN B 69 -8.56 10.29 4.05
C ASN B 69 -9.42 9.78 2.92
N ILE B 70 -8.81 9.11 1.96
CA ILE B 70 -9.55 8.56 0.82
C ILE B 70 -9.27 7.06 0.66
N ALA B 71 -10.34 6.28 0.46
CA ALA B 71 -10.23 4.83 0.21
C ALA B 71 -10.22 4.58 -1.30
N LEU B 72 -9.17 3.94 -1.80
CA LEU B 72 -9.11 3.55 -3.22
C LEU B 72 -9.31 2.02 -3.35
N LEU B 73 -10.52 1.62 -3.75
CA LEU B 73 -10.85 0.20 -3.95
C LEU B 73 -10.66 -0.27 -5.40
N PHE B 74 -9.96 -1.39 -5.55
CA PHE B 74 -9.75 -2.01 -6.85
C PHE B 74 -10.05 -3.52 -6.76
N GLU B 75 -11.07 -3.96 -7.46
CA GLU B 75 -11.39 -5.40 -7.48
C GLU B 75 -10.41 -6.12 -8.38
N LYS B 76 -9.89 -5.38 -9.35
CA LYS B 76 -8.83 -5.88 -10.23
C LYS B 76 -7.73 -4.82 -10.31
N SER B 77 -6.48 -5.26 -10.50
CA SER B 77 -5.36 -4.33 -10.68
C SER B 77 -5.63 -3.32 -11.81
N SER B 78 -5.32 -2.04 -11.54
CA SER B 78 -5.59 -0.94 -12.46
C SER B 78 -4.67 0.21 -12.01
N THR B 79 -3.38 0.00 -12.24
CA THR B 79 -2.30 0.79 -11.63
C THR B 79 -2.14 2.23 -12.17
N ARG B 80 -2.52 2.46 -13.42
CA ARG B 80 -2.54 3.79 -14.00
C ARG B 80 -3.68 4.64 -13.41
N THR B 81 -4.86 4.05 -13.30
CA THR B 81 -5.98 4.66 -12.59
C THR B 81 -5.62 4.91 -11.12
N ARG B 82 -4.94 3.94 -10.51
CA ARG B 82 -4.56 4.07 -9.11
C ARG B 82 -3.57 5.24 -8.89
N SER B 83 -2.55 5.32 -9.75
CA SER B 83 -1.50 6.34 -9.67
C SER B 83 -2.07 7.74 -9.84
N ALA B 84 -3.05 7.84 -10.71
CA ALA B 84 -3.75 9.08 -10.97
C ALA B 84 -4.54 9.56 -9.75
N PHE B 85 -5.26 8.65 -9.09
CA PHE B 85 -6.03 8.95 -7.86
C PHE B 85 -5.09 9.23 -6.70
N THR B 86 -3.97 8.51 -6.67
CA THR B 86 -3.01 8.64 -5.60
C THR B 86 -2.31 9.98 -5.62
N THR B 87 -1.76 10.35 -6.77
CA THR B 87 -1.02 11.60 -6.91
C THR B 87 -1.94 12.82 -6.78
N ALA B 88 -3.13 12.70 -7.37
CA ALA B 88 -4.20 13.68 -7.24
C ALA B 88 -4.57 13.90 -5.77
N SER B 89 -4.72 12.82 -5.01
CA SER B 89 -5.05 12.92 -3.58
C SER B 89 -3.97 13.69 -2.81
N ILE B 90 -2.72 13.28 -3.00
CA ILE B 90 -1.57 13.95 -2.38
C ILE B 90 -1.47 15.44 -2.74
N ASP B 91 -1.56 15.77 -4.03
CA ASP B 91 -1.57 17.18 -4.46
C ASP B 91 -2.68 18.00 -3.78
N LEU B 92 -3.81 17.35 -3.50
CA LEU B 92 -4.93 17.99 -2.81
C LEU B 92 -4.86 18.03 -1.27
N GLY B 93 -3.92 17.32 -0.68
CA GLY B 93 -3.70 17.31 0.77
C GLY B 93 -4.32 16.10 1.47
N ALA B 94 -4.85 15.16 0.69
CA ALA B 94 -5.57 14.00 1.21
C ALA B 94 -4.66 12.79 1.19
N HIS B 95 -4.87 11.86 2.10
CA HIS B 95 -4.11 10.64 2.04
C HIS B 95 -4.93 9.44 1.51
N PRO B 96 -4.43 8.80 0.41
CA PRO B 96 -5.14 7.66 -0.15
C PRO B 96 -4.62 6.35 0.43
N GLU B 97 -5.52 5.39 0.67
CA GLU B 97 -5.09 4.03 0.96
C GLU B 97 -5.70 3.09 -0.05
N TYR B 98 -4.83 2.29 -0.65
CA TYR B 98 -5.15 1.34 -1.67
C TYR B 98 -5.61 0.02 -1.04
N LEU B 99 -6.81 -0.41 -1.43
CA LEU B 99 -7.31 -1.73 -1.08
C LEU B 99 -7.60 -2.48 -2.38
N GLY B 100 -6.74 -3.45 -2.71
CA GLY B 100 -6.91 -4.25 -3.92
C GLY B 100 -7.64 -5.58 -3.69
N GLN B 101 -7.56 -6.44 -4.70
CA GLN B 101 -8.27 -7.73 -4.75
C GLN B 101 -8.00 -8.69 -3.56
N ASN B 102 -6.80 -8.63 -2.99
CA ASN B 102 -6.48 -9.44 -1.81
C ASN B 102 -6.88 -8.75 -0.49
N ASP B 103 -7.32 -7.49 -0.59
CA ASP B 103 -7.65 -6.69 0.58
C ASP B 103 -9.15 -6.58 0.79
N ILE B 104 -9.88 -6.41 -0.31
CA ILE B 104 -11.30 -6.18 -0.25
C ILE B 104 -12.02 -6.96 -1.36
N GLN B 105 -13.13 -7.57 -0.99
CA GLN B 105 -13.97 -8.33 -1.91
C GLN B 105 -15.43 -7.98 -1.66
N LEU B 106 -15.88 -6.88 -2.26
CA LEU B 106 -17.20 -6.32 -2.00
C LEU B 106 -18.29 -7.32 -2.34
N GLY B 107 -19.13 -7.63 -1.35
CA GLY B 107 -20.25 -8.55 -1.51
C GLY B 107 -19.92 -10.05 -1.43
N LYS B 108 -18.68 -10.37 -1.07
CA LYS B 108 -18.27 -11.77 -1.01
C LYS B 108 -18.71 -12.42 0.29
N LYS B 109 -18.38 -11.79 1.42
CA LYS B 109 -18.66 -12.32 2.75
C LYS B 109 -19.42 -11.31 3.61
N GLU B 110 -19.23 -10.03 3.31
CA GLU B 110 -19.98 -8.96 3.94
C GLU B 110 -20.71 -8.24 2.80
N SER B 111 -21.95 -7.81 3.04
CA SER B 111 -22.69 -7.07 2.00
C SER B 111 -22.00 -5.74 1.66
N THR B 112 -22.16 -5.31 0.41
CA THR B 112 -21.60 -4.04 -0.03
C THR B 112 -22.15 -2.88 0.78
N SER B 113 -23.43 -2.97 1.16
CA SER B 113 -24.08 -1.99 2.01
C SER B 113 -23.37 -1.87 3.36
N ASP B 114 -23.17 -3.00 4.04
CA ASP B 114 -22.48 -3.02 5.32
C ASP B 114 -21.09 -2.39 5.21
N THR B 115 -20.29 -2.85 4.23
CA THR B 115 -18.93 -2.32 4.02
C THR B 115 -18.90 -0.82 3.71
N ALA B 116 -19.77 -0.39 2.78
CA ALA B 116 -20.01 1.02 2.41
C ALA B 116 -20.24 1.91 3.62
N LYS B 117 -21.07 1.46 4.56
CA LYS B 117 -21.30 2.21 5.82
C LYS B 117 -20.05 2.34 6.68
N VAL B 118 -19.29 1.25 6.82
CA VAL B 118 -18.08 1.33 7.58
C VAL B 118 -17.01 2.21 6.90
N LEU B 119 -16.75 1.94 5.62
CA LEU B 119 -15.85 2.78 4.80
C LEU B 119 -16.16 4.26 4.93
N GLY B 120 -17.43 4.61 4.79
CA GLY B 120 -17.86 5.99 4.86
C GLY B 120 -17.69 6.63 6.22
N SER B 121 -17.63 5.82 7.29
CA SER B 121 -17.51 6.38 8.66
C SER B 121 -16.05 6.74 8.99
N MET B 122 -15.11 6.22 8.20
CA MET B 122 -13.68 6.42 8.47
C MET B 122 -13.01 7.28 7.41
N PHE B 123 -13.48 7.17 6.17
CA PHE B 123 -12.88 7.83 5.00
C PHE B 123 -13.79 8.95 4.52
N ASP B 124 -13.19 10.00 3.93
CA ASP B 124 -13.96 11.15 3.49
C ASP B 124 -14.46 11.03 2.05
N GLY B 125 -13.95 10.03 1.35
CA GLY B 125 -14.23 9.81 -0.05
C GLY B 125 -13.77 8.44 -0.46
N ILE B 126 -14.42 7.89 -1.48
CA ILE B 126 -14.17 6.51 -1.91
C ILE B 126 -14.08 6.41 -3.41
N GLU B 127 -12.96 5.88 -3.88
CA GLU B 127 -12.86 5.47 -5.26
C GLU B 127 -13.21 3.98 -5.35
N PHE B 128 -13.95 3.62 -6.40
CA PHE B 128 -14.28 2.23 -6.67
C PHE B 128 -14.03 1.86 -8.14
N ARG B 129 -13.22 0.83 -8.33
CA ARG B 129 -12.99 0.21 -9.61
C ARG B 129 -13.32 -1.27 -9.48
N GLY B 130 -14.35 -1.71 -10.20
CA GLY B 130 -14.82 -3.10 -10.15
C GLY B 130 -15.84 -3.37 -11.23
N PHE B 131 -16.32 -4.60 -11.33
CA PHE B 131 -17.22 -4.99 -12.44
C PHE B 131 -18.64 -4.41 -12.38
N LYS B 132 -19.28 -4.51 -11.21
CA LYS B 132 -20.68 -4.15 -11.08
C LYS B 132 -20.91 -2.66 -10.83
N GLN B 133 -21.62 -2.02 -11.76
CA GLN B 133 -22.18 -0.71 -11.52
C GLN B 133 -23.02 -0.69 -10.23
N SER B 134 -23.75 -1.77 -9.95
CA SER B 134 -24.62 -1.83 -8.76
C SER B 134 -23.83 -1.68 -7.45
N ASP B 135 -22.61 -2.20 -7.44
CA ASP B 135 -21.70 -2.01 -6.30
C ASP B 135 -21.28 -0.55 -6.11
N ALA B 136 -20.97 0.13 -7.22
CA ALA B 136 -20.71 1.58 -7.20
C ALA B 136 -21.91 2.38 -6.67
N GLU B 137 -23.12 2.00 -7.09
CA GLU B 137 -24.36 2.68 -6.68
C GLU B 137 -24.63 2.45 -5.20
N ILE B 138 -24.41 1.22 -4.72
CA ILE B 138 -24.61 0.91 -3.31
C ILE B 138 -23.61 1.69 -2.46
N LEU B 139 -22.36 1.73 -2.91
CA LEU B 139 -21.32 2.54 -2.26
C LEU B 139 -21.76 3.98 -2.11
N ALA B 140 -22.27 4.57 -3.19
CA ALA B 140 -22.76 5.94 -3.18
C ALA B 140 -23.99 6.13 -2.26
N ARG B 141 -24.91 5.17 -2.30
CA ARG B 141 -26.18 5.23 -1.53
C ARG B 141 -25.97 5.17 -0.03
N ASP B 142 -25.06 4.30 0.42
CA ASP B 142 -24.93 3.98 1.84
C ASP B 142 -23.69 4.54 2.57
N SER B 143 -22.63 4.88 1.84
CA SER B 143 -21.39 5.39 2.45
C SER B 143 -21.53 6.76 3.10
N GLY B 144 -22.40 7.60 2.55
CA GLY B 144 -22.50 8.96 3.01
C GLY B 144 -21.37 9.87 2.56
N VAL B 145 -20.49 9.38 1.68
CA VAL B 145 -19.39 10.20 1.10
C VAL B 145 -19.37 10.18 -0.44
N PRO B 146 -18.67 11.15 -1.10
CA PRO B 146 -18.48 11.02 -2.55
C PRO B 146 -17.85 9.69 -2.96
N VAL B 147 -18.44 9.04 -3.96
CA VAL B 147 -17.86 7.84 -4.54
C VAL B 147 -17.53 8.11 -6.02
N TRP B 148 -16.34 7.70 -6.43
CA TRP B 148 -15.90 7.95 -7.78
C TRP B 148 -15.64 6.63 -8.49
N ASN B 149 -16.25 6.47 -9.67
CA ASN B 149 -16.14 5.24 -10.44
C ASN B 149 -14.85 5.23 -11.27
N GLY B 150 -13.85 4.46 -10.84
CA GLY B 150 -12.58 4.31 -11.56
C GLY B 150 -12.62 3.36 -12.78
N LEU B 151 -13.79 2.80 -13.05
CA LEU B 151 -14.09 1.82 -14.13
C LEU B 151 -15.01 0.70 -13.62
N THR B 152 -16.18 0.60 -14.26
CA THR B 152 -17.08 -0.54 -14.12
C THR B 152 -17.28 -1.17 -15.50
N ASP B 153 -18.03 -2.28 -15.56
CA ASP B 153 -18.43 -2.88 -16.84
C ASP B 153 -19.22 -1.91 -17.71
N GLU B 154 -19.94 -0.98 -17.07
CA GLU B 154 -20.86 -0.08 -17.75
C GLU B 154 -20.36 1.35 -18.05
N TRP B 155 -19.53 1.92 -17.16
CA TRP B 155 -19.05 3.30 -17.34
C TRP B 155 -17.59 3.52 -16.97
N HIS B 156 -16.98 4.50 -17.61
CA HIS B 156 -15.61 4.91 -17.31
C HIS B 156 -15.49 6.45 -17.33
N PRO B 157 -16.10 7.14 -16.34
CA PRO B 157 -16.16 8.61 -16.41
C PRO B 157 -14.84 9.41 -16.25
N THR B 158 -13.85 8.86 -15.54
CA THR B 158 -12.58 9.56 -15.32
C THR B 158 -11.75 9.52 -16.61
N GLN B 159 -11.85 8.41 -17.33
CA GLN B 159 -11.22 8.32 -18.63
C GLN B 159 -11.83 9.37 -19.57
N MET B 160 -13.15 9.53 -19.54
CA MET B 160 -13.86 10.50 -20.37
C MET B 160 -13.48 11.96 -20.05
N LEU B 161 -13.37 12.28 -18.77
CA LEU B 161 -12.87 13.59 -18.35
C LEU B 161 -11.45 13.84 -18.85
N ALA B 162 -10.57 12.86 -18.73
CA ALA B 162 -9.20 12.97 -19.23
C ALA B 162 -9.15 13.17 -20.74
N ASP B 163 -10.01 12.45 -21.46
CA ASP B 163 -10.01 12.41 -22.94
C ASP B 163 -10.52 13.72 -23.57
N PHE B 164 -11.65 14.21 -23.07
CA PHE B 164 -12.20 15.47 -23.58
C PHE B 164 -11.46 16.69 -23.07
N MET B 165 -10.82 16.56 -21.92
CA MET B 165 -9.83 17.53 -21.46
C MET B 165 -8.67 17.65 -22.45
N THR B 166 -8.12 16.50 -22.86
CA THR B 166 -7.09 16.41 -23.90
C THR B 166 -7.53 17.02 -25.24
N VAL B 167 -8.74 16.69 -25.69
CA VAL B 167 -9.30 17.27 -26.91
C VAL B 167 -9.36 18.81 -26.82
N LYS B 168 -9.95 19.33 -25.75
CA LYS B 168 -10.00 20.77 -25.52
C LYS B 168 -8.61 21.44 -25.38
N GLU B 169 -7.66 20.75 -24.74
CA GLU B 169 -6.31 21.27 -24.53
C GLU B 169 -5.62 21.55 -25.87
N ASN B 170 -6.00 20.79 -26.89
CA ASN B 170 -5.42 20.89 -28.23
C ASN B 170 -6.20 21.79 -29.16
N PHE B 171 -7.53 21.75 -29.08
CA PHE B 171 -8.40 22.49 -30.01
C PHE B 171 -9.21 23.68 -29.45
N GLY B 172 -9.36 23.75 -28.12
CA GLY B 172 -10.31 24.70 -27.52
C GLY B 172 -11.75 24.19 -27.60
N LYS B 173 -12.67 25.08 -27.97
CA LYS B 173 -14.07 24.70 -28.29
C LYS B 173 -14.29 23.22 -28.63
N LEU B 174 -15.07 22.51 -27.80
CA LEU B 174 -15.40 21.09 -28.06
C LEU B 174 -16.52 20.90 -29.08
N GLN B 175 -17.56 21.72 -28.99
CA GLN B 175 -18.75 21.56 -29.81
C GLN B 175 -18.42 21.77 -31.29
N GLY B 176 -18.85 20.82 -32.13
CA GLY B 176 -18.63 20.90 -33.56
C GLY B 176 -17.42 20.12 -34.06
N LEU B 177 -16.55 19.71 -33.13
CA LEU B 177 -15.40 18.89 -33.49
C LEU B 177 -15.88 17.49 -33.76
N THR B 178 -14.98 16.63 -34.23
CA THR B 178 -15.31 15.27 -34.62
C THR B 178 -14.27 14.30 -34.09
N LEU B 179 -14.74 13.34 -33.30
CA LEU B 179 -13.90 12.30 -32.74
C LEU B 179 -14.35 10.98 -33.31
N THR B 180 -13.38 10.23 -33.82
CA THR B 180 -13.60 8.93 -34.41
C THR B 180 -12.87 7.84 -33.64
N PHE B 181 -13.64 6.90 -33.09
CA PHE B 181 -13.05 5.72 -32.49
C PHE B 181 -12.99 4.59 -33.51
N MET B 182 -11.82 3.99 -33.68
CA MET B 182 -11.66 2.94 -34.66
C MET B 182 -11.24 1.64 -33.98
N GLY B 183 -11.89 0.55 -34.35
CA GLY B 183 -11.60 -0.77 -33.79
C GLY B 183 -12.85 -1.38 -33.18
N ASP B 184 -12.70 -2.06 -32.04
CA ASP B 184 -13.82 -2.70 -31.35
C ASP B 184 -14.83 -1.68 -30.84
N GLY B 185 -15.89 -1.48 -31.62
CA GLY B 185 -16.90 -0.48 -31.32
C GLY B 185 -17.84 -0.80 -30.16
N ARG B 186 -17.55 -1.90 -29.46
CA ARG B 186 -18.35 -2.38 -28.34
C ARG B 186 -17.57 -2.40 -27.05
N ASN B 187 -16.27 -2.07 -27.07
CA ASN B 187 -15.53 -2.06 -25.82
C ASN B 187 -15.93 -0.83 -25.01
N ASN B 188 -15.76 -0.87 -23.70
CA ASN B 188 -16.47 0.10 -22.89
C ASN B 188 -15.99 1.56 -23.06
N VAL B 189 -14.77 1.75 -23.56
CA VAL B 189 -14.27 3.11 -23.87
C VAL B 189 -15.01 3.72 -25.05
N ALA B 190 -15.23 2.92 -26.11
CA ALA B 190 -16.03 3.34 -27.26
C ALA B 190 -17.46 3.69 -26.88
N ASN B 191 -18.04 2.89 -25.98
CA ASN B 191 -19.41 3.11 -25.48
C ASN B 191 -19.47 4.45 -24.77
N SER B 192 -18.50 4.65 -23.87
CA SER B 192 -18.39 5.88 -23.12
C SER B 192 -18.18 7.11 -24.01
N LEU B 193 -17.32 6.97 -25.02
CA LEU B 193 -17.01 8.11 -25.92
C LEU B 193 -18.22 8.56 -26.70
N LEU B 194 -19.03 7.59 -27.14
CA LEU B 194 -20.24 7.85 -27.90
C LEU B 194 -21.28 8.64 -27.09
N VAL B 195 -21.61 8.14 -25.91
CA VAL B 195 -22.52 8.81 -24.98
C VAL B 195 -21.99 10.18 -24.57
N THR B 196 -20.72 10.24 -24.17
CA THR B 196 -20.11 11.50 -23.68
C THR B 196 -19.98 12.59 -24.77
N GLY B 197 -19.48 12.21 -25.95
CA GLY B 197 -19.47 13.12 -27.09
C GLY B 197 -20.86 13.65 -27.38
N ALA B 198 -21.84 12.74 -27.43
CA ALA B 198 -23.25 13.10 -27.56
C ALA B 198 -23.71 14.13 -26.56
N ILE B 199 -23.32 13.98 -25.29
CA ILE B 199 -23.71 14.94 -24.25
C ILE B 199 -23.06 16.29 -24.53
N LEU B 200 -21.78 16.27 -24.87
CA LEU B 200 -20.97 17.49 -25.06
C LEU B 200 -21.14 18.20 -26.40
N GLY B 201 -21.87 17.59 -27.34
CA GLY B 201 -22.04 18.16 -28.67
C GLY B 201 -20.85 17.93 -29.59
N VAL B 202 -20.05 16.92 -29.29
CA VAL B 202 -18.95 16.51 -30.13
C VAL B 202 -19.48 15.42 -31.08
N ASN B 203 -19.18 15.56 -32.37
CA ASN B 203 -19.58 14.55 -33.34
C ASN B 203 -18.75 13.29 -33.07
N ILE B 204 -19.41 12.13 -33.02
CA ILE B 204 -18.71 10.88 -32.77
C ILE B 204 -18.96 9.89 -33.91
N HIS B 205 -17.87 9.40 -34.50
CA HIS B 205 -17.94 8.29 -35.45
C HIS B 205 -17.36 7.05 -34.79
N ILE B 206 -18.11 5.95 -34.84
CA ILE B 206 -17.57 4.63 -34.48
C ILE B 206 -17.35 3.92 -35.80
N VAL B 207 -16.11 3.51 -36.04
CA VAL B 207 -15.74 2.78 -37.26
C VAL B 207 -15.28 1.42 -36.83
N ALA B 208 -16.11 0.41 -37.15
CA ALA B 208 -15.93 -0.93 -36.61
C ALA B 208 -16.47 -1.97 -37.59
N PRO B 209 -16.05 -3.24 -37.46
CA PRO B 209 -16.79 -4.33 -38.13
C PRO B 209 -18.26 -4.34 -37.68
N LYS B 210 -19.17 -4.86 -38.51
CA LYS B 210 -20.60 -4.95 -38.13
C LYS B 210 -20.78 -5.72 -36.82
N ALA B 211 -20.02 -6.80 -36.64
CA ALA B 211 -20.11 -7.64 -35.47
C ALA B 211 -19.80 -6.87 -34.19
N LEU B 212 -19.09 -5.75 -34.33
CA LEU B 212 -18.67 -4.98 -33.17
C LEU B 212 -19.21 -3.55 -33.16
N PHE B 213 -20.34 -3.33 -33.85
CA PHE B 213 -21.10 -2.10 -33.67
C PHE B 213 -21.58 -1.99 -32.20
N PRO B 214 -21.61 -0.77 -31.63
CA PRO B 214 -22.14 -0.67 -30.27
C PRO B 214 -23.58 -1.18 -30.22
N THR B 215 -23.97 -1.77 -29.09
CA THR B 215 -25.32 -2.30 -28.91
C THR B 215 -26.40 -1.23 -29.17
N GLU B 216 -27.61 -1.68 -29.51
CA GLU B 216 -28.78 -0.79 -29.67
C GLU B 216 -28.97 0.12 -28.45
N GLU B 217 -28.74 -0.41 -27.25
CA GLU B 217 -28.91 0.38 -26.02
C GLU B 217 -27.92 1.54 -25.94
N THR B 218 -26.65 1.25 -26.17
CA THR B 218 -25.61 2.28 -26.16
C THR B 218 -25.95 3.35 -27.20
N GLN B 219 -26.32 2.89 -28.40
CA GLN B 219 -26.64 3.78 -29.52
C GLN B 219 -27.82 4.68 -29.21
N ASN B 220 -28.85 4.10 -28.60
CA ASN B 220 -30.08 4.81 -28.30
C ASN B 220 -29.95 5.76 -27.13
N ILE B 221 -29.11 5.41 -26.16
CA ILE B 221 -28.75 6.36 -25.10
C ILE B 221 -28.04 7.58 -25.70
N ALA B 222 -27.06 7.33 -26.56
CA ALA B 222 -26.31 8.42 -27.19
C ALA B 222 -27.22 9.31 -28.05
N LYS B 223 -28.12 8.68 -28.81
CA LYS B 223 -29.08 9.35 -29.69
C LYS B 223 -29.94 10.36 -28.93
N GLY B 224 -30.42 9.95 -27.76
CA GLY B 224 -31.18 10.84 -26.88
C GLY B 224 -30.43 12.07 -26.44
N PHE B 225 -29.14 11.95 -26.19
CA PHE B 225 -28.33 13.11 -25.83
C PHE B 225 -28.01 13.95 -27.07
N ALA B 226 -27.70 13.29 -28.18
CA ALA B 226 -27.37 13.98 -29.44
C ALA B 226 -28.52 14.84 -30.02
N GLU B 227 -29.77 14.40 -29.83
CA GLU B 227 -30.93 15.20 -30.28
C GLU B 227 -30.95 16.58 -29.63
N LYS B 228 -30.45 16.66 -28.39
CA LYS B 228 -30.46 17.91 -27.64
C LYS B 228 -29.18 18.74 -27.82
N SER B 229 -28.04 18.08 -27.99
CA SER B 229 -26.75 18.76 -28.08
C SER B 229 -26.40 19.21 -29.50
N GLY B 230 -26.91 18.46 -30.49
CA GLY B 230 -26.62 18.70 -31.89
C GLY B 230 -25.47 17.85 -32.43
N ALA B 231 -24.92 16.97 -31.60
CA ALA B 231 -23.92 16.00 -32.03
C ALA B 231 -24.41 15.13 -33.19
N LYS B 232 -23.53 14.90 -34.16
CA LYS B 232 -23.77 13.95 -35.25
C LYS B 232 -23.09 12.64 -34.91
N LEU B 233 -23.87 11.58 -34.90
CA LEU B 233 -23.37 10.26 -34.59
C LEU B 233 -23.38 9.40 -35.85
N VAL B 234 -22.28 8.69 -36.08
CA VAL B 234 -22.12 7.82 -37.24
C VAL B 234 -21.52 6.52 -36.74
N ILE B 235 -22.24 5.42 -36.96
CA ILE B 235 -21.71 4.08 -36.73
C ILE B 235 -21.66 3.41 -38.10
N THR B 236 -20.47 2.97 -38.51
CA THR B 236 -20.25 2.47 -39.87
C THR B 236 -19.08 1.49 -39.93
N ASP B 237 -19.11 0.58 -40.91
CA ASP B 237 -17.98 -0.31 -41.16
C ASP B 237 -17.06 0.22 -42.27
N ASP B 238 -17.51 1.30 -42.90
CA ASP B 238 -16.78 1.97 -43.98
C ASP B 238 -15.69 2.88 -43.42
N LEU B 239 -14.43 2.44 -43.56
CA LEU B 239 -13.23 3.22 -43.20
C LEU B 239 -13.18 4.65 -43.71
N ASP B 240 -13.45 4.83 -45.00
CA ASP B 240 -13.39 6.15 -45.62
C ASP B 240 -14.55 7.06 -45.25
N GLU B 241 -15.74 6.48 -45.06
CA GLU B 241 -16.89 7.25 -44.57
C GLU B 241 -16.69 7.61 -43.10
N GLY B 242 -16.22 6.62 -42.33
CA GLY B 242 -15.93 6.80 -40.92
C GLY B 242 -14.91 7.89 -40.65
N LEU B 243 -13.73 7.76 -41.29
CA LEU B 243 -12.61 8.66 -40.97
C LEU B 243 -12.73 10.09 -41.46
N LYS B 244 -13.60 10.35 -42.43
CA LYS B 244 -13.59 11.66 -43.08
C LYS B 244 -14.05 12.78 -42.15
N GLY B 245 -13.24 13.83 -42.05
CA GLY B 245 -13.59 15.02 -41.25
C GLY B 245 -13.16 14.99 -39.78
N SER B 246 -12.47 13.93 -39.38
CA SER B 246 -12.04 13.71 -37.99
C SER B 246 -10.97 14.66 -37.49
N ASN B 247 -11.22 15.26 -36.33
CA ASN B 247 -10.20 16.04 -35.63
C ASN B 247 -9.43 15.15 -34.67
N VAL B 248 -10.02 14.01 -34.33
CA VAL B 248 -9.38 13.00 -33.45
C VAL B 248 -9.54 11.58 -34.00
N VAL B 249 -8.45 10.85 -34.04
CA VAL B 249 -8.51 9.41 -34.29
C VAL B 249 -8.09 8.70 -33.02
N TYR B 250 -9.03 7.93 -32.48
CA TYR B 250 -8.92 7.31 -31.16
C TYR B 250 -9.02 5.81 -31.33
N THR B 251 -8.15 5.05 -30.69
CA THR B 251 -8.30 3.59 -30.73
C THR B 251 -8.01 2.91 -29.38
N ASP B 252 -8.14 1.58 -29.33
CA ASP B 252 -7.91 0.79 -28.12
C ASP B 252 -7.63 -0.65 -28.54
N VAL B 253 -7.08 -1.44 -27.61
CA VAL B 253 -6.68 -2.82 -27.90
C VAL B 253 -7.81 -3.68 -28.48
N TRP B 254 -7.44 -4.58 -29.39
CA TRP B 254 -8.41 -5.43 -30.08
C TRP B 254 -8.85 -6.61 -29.21
N VAL B 255 -7.91 -7.16 -28.46
CA VAL B 255 -8.11 -8.38 -27.68
C VAL B 255 -7.46 -8.23 -26.30
N SER B 256 -8.06 -8.86 -25.28
CA SER B 256 -7.67 -8.58 -23.90
C SER B 256 -7.61 -9.86 -23.06
N MET B 257 -6.50 -10.02 -22.33
CA MET B 257 -6.29 -11.15 -21.38
C MET B 257 -6.66 -12.54 -21.93
N GLY B 258 -5.81 -13.05 -22.83
CA GLY B 258 -6.06 -14.33 -23.53
C GLY B 258 -7.53 -14.59 -23.86
N GLU B 259 -8.17 -13.56 -24.42
CA GLU B 259 -9.63 -13.53 -24.63
C GLU B 259 -10.11 -14.70 -25.47
N SER B 260 -11.40 -15.02 -25.35
CA SER B 260 -12.02 -16.01 -26.23
C SER B 260 -12.20 -15.38 -27.62
N ASN B 261 -12.67 -16.19 -28.59
CA ASN B 261 -12.79 -15.78 -30.02
C ASN B 261 -11.68 -14.85 -30.54
N TRP B 262 -10.45 -15.16 -30.10
CA TRP B 262 -9.26 -14.33 -30.30
C TRP B 262 -8.94 -14.06 -31.78
N GLU B 263 -8.67 -15.14 -32.52
CA GLU B 263 -8.31 -15.07 -33.95
C GLU B 263 -9.38 -14.38 -34.79
N GLU B 264 -10.66 -14.67 -34.50
CA GLU B 264 -11.76 -14.03 -35.21
C GLU B 264 -11.78 -12.51 -35.02
N ARG B 265 -11.57 -12.09 -33.78
CA ARG B 265 -11.52 -10.65 -33.45
C ARG B 265 -10.41 -9.92 -34.23
N VAL B 266 -9.19 -10.44 -34.17
CA VAL B 266 -8.09 -9.87 -34.94
C VAL B 266 -8.41 -9.79 -36.44
N LYS B 267 -8.93 -10.89 -37.00
CA LYS B 267 -9.25 -10.97 -38.42
C LYS B 267 -10.30 -9.93 -38.84
N GLU B 268 -11.35 -9.76 -38.03
CA GLU B 268 -12.37 -8.75 -38.37
C GLU B 268 -11.85 -7.35 -38.07
N LEU B 269 -10.89 -7.27 -37.16
CA LEU B 269 -10.40 -5.99 -36.67
C LEU B 269 -9.27 -5.35 -37.50
N THR B 270 -8.31 -6.15 -37.99
CA THR B 270 -7.11 -5.59 -38.65
C THR B 270 -7.36 -4.51 -39.74
N PRO B 271 -8.40 -4.69 -40.58
CA PRO B 271 -8.71 -3.59 -41.50
C PRO B 271 -8.96 -2.23 -40.83
N TYR B 272 -9.11 -2.23 -39.50
CA TYR B 272 -9.44 -1.02 -38.74
C TYR B 272 -8.25 -0.52 -37.91
N GLN B 273 -7.07 -0.98 -38.28
CA GLN B 273 -5.83 -0.54 -37.65
C GLN B 273 -5.58 0.94 -37.91
N VAL B 274 -4.98 1.62 -36.93
CA VAL B 274 -4.63 3.03 -37.07
C VAL B 274 -3.18 3.12 -37.57
N ASN B 275 -3.07 3.30 -38.89
CA ASN B 275 -1.81 3.57 -39.58
C ASN B 275 -1.85 4.96 -40.17
N MET B 276 -0.72 5.42 -40.71
CA MET B 276 -0.62 6.77 -41.31
C MET B 276 -1.60 6.99 -42.43
N GLU B 277 -1.92 5.90 -43.14
CA GLU B 277 -2.87 5.94 -44.24
C GLU B 277 -4.28 6.22 -43.72
N ALA B 278 -4.65 5.63 -42.58
CA ALA B 278 -5.89 6.01 -41.86
C ALA B 278 -5.91 7.49 -41.44
N MET B 279 -4.79 7.98 -40.89
CA MET B 279 -4.68 9.39 -40.50
C MET B 279 -4.91 10.33 -41.67
N LYS B 280 -4.45 9.91 -42.86
CA LYS B 280 -4.57 10.68 -44.09
C LYS B 280 -5.98 10.68 -44.72
N LYS B 281 -6.72 9.59 -44.50
CA LYS B 281 -8.11 9.46 -44.97
C LYS B 281 -9.09 10.42 -44.29
N THR B 282 -8.69 11.05 -43.18
CA THR B 282 -9.54 12.01 -42.49
C THR B 282 -9.73 13.25 -43.33
N GLY B 283 -8.72 13.56 -44.15
CA GLY B 283 -8.71 14.75 -44.97
C GLY B 283 -8.29 15.96 -44.16
N THR B 284 -7.93 15.74 -42.89
CA THR B 284 -7.71 16.84 -41.94
C THR B 284 -6.25 17.31 -41.93
N PRO B 285 -6.04 18.64 -41.98
CA PRO B 285 -4.72 19.25 -41.84
C PRO B 285 -4.02 19.03 -40.48
N ASP B 286 -2.70 18.87 -40.55
CA ASP B 286 -1.81 18.61 -39.41
C ASP B 286 -2.09 19.39 -38.11
N ASP B 287 -2.68 20.58 -38.20
CA ASP B 287 -2.96 21.40 -37.03
C ASP B 287 -4.39 21.26 -36.48
N GLN B 288 -5.16 20.34 -37.07
CA GLN B 288 -6.53 20.07 -36.63
C GLN B 288 -6.77 18.60 -36.36
N LEU B 289 -5.69 17.85 -36.15
CA LEU B 289 -5.78 16.39 -36.09
C LEU B 289 -4.82 15.78 -35.09
N ILE B 290 -5.34 14.95 -34.20
CA ILE B 290 -4.53 14.27 -33.18
C ILE B 290 -4.85 12.76 -33.09
N PHE B 291 -3.92 11.99 -32.57
CA PHE B 291 -4.18 10.57 -32.28
C PHE B 291 -4.27 10.33 -30.77
N MET B 292 -5.29 9.57 -30.37
CA MET B 292 -5.52 9.19 -28.96
C MET B 292 -5.74 7.67 -28.75
N HIS B 293 -5.44 7.21 -27.55
CA HIS B 293 -5.48 5.81 -27.21
C HIS B 293 -5.42 5.74 -25.70
N CYS B 294 -6.42 5.14 -25.05
CA CYS B 294 -6.46 5.13 -23.57
C CYS B 294 -5.35 4.30 -22.91
N LEU B 295 -4.62 3.52 -23.73
CA LEU B 295 -3.48 2.71 -23.26
C LEU B 295 -3.89 1.59 -22.29
N PRO B 296 -3.04 0.54 -22.12
CA PRO B 296 -1.83 0.18 -22.86
C PRO B 296 -2.07 -0.08 -24.36
N ALA B 297 -1.03 0.17 -25.15
CA ALA B 297 -1.10 0.03 -26.58
C ALA B 297 -0.09 -1.02 -27.06
N PHE B 298 -0.53 -1.80 -28.06
CA PHE B 298 0.32 -2.80 -28.71
C PHE B 298 0.73 -2.18 -30.03
N HIS B 299 1.84 -1.46 -30.02
CA HIS B 299 2.28 -0.68 -31.17
C HIS B 299 3.65 -1.16 -31.64
N ASN B 300 4.19 -2.16 -30.95
CA ASN B 300 5.47 -2.73 -31.29
C ASN B 300 5.65 -4.10 -30.65
N THR B 301 6.91 -4.55 -30.63
CA THR B 301 7.31 -5.89 -30.26
C THR B 301 8.07 -5.81 -28.94
N ASP B 302 8.03 -4.63 -28.32
CA ASP B 302 8.79 -4.33 -27.11
C ASP B 302 8.23 -4.95 -25.82
N THR B 303 7.36 -5.95 -25.97
CA THR B 303 6.72 -6.63 -24.83
C THR B 303 6.74 -8.14 -25.00
N GLN B 304 6.69 -8.87 -23.89
CA GLN B 304 6.61 -10.34 -23.92
C GLN B 304 5.42 -10.78 -24.76
N TYR B 305 4.27 -10.19 -24.49
CA TYR B 305 3.04 -10.41 -25.24
C TYR B 305 3.22 -10.13 -26.74
N GLY B 306 3.90 -9.02 -27.07
CA GLY B 306 4.14 -8.62 -28.46
C GLY B 306 4.92 -9.65 -29.27
N LYS B 307 5.99 -10.19 -28.66
CA LYS B 307 6.85 -11.18 -29.29
C LYS B 307 6.12 -12.50 -29.57
N GLU B 308 5.33 -12.97 -28.60
CA GLU B 308 4.52 -14.17 -28.74
C GLU B 308 3.55 -14.05 -29.91
N ILE B 309 2.91 -12.87 -30.01
CA ILE B 309 1.98 -12.54 -31.10
C ILE B 309 2.67 -12.47 -32.47
N LYS B 310 3.93 -12.03 -32.51
CA LYS B 310 4.70 -12.07 -33.74
C LYS B 310 4.98 -13.49 -34.23
N GLU B 311 5.35 -14.40 -33.32
CA GLU B 311 5.64 -15.79 -33.70
C GLU B 311 4.37 -16.53 -34.15
N LYS B 312 3.29 -16.32 -33.42
CA LYS B 312 2.04 -17.04 -33.67
C LYS B 312 1.27 -16.49 -34.87
N TYR B 313 1.39 -15.19 -35.11
CA TYR B 313 0.48 -14.52 -36.02
C TYR B 313 1.15 -13.66 -37.08
N GLY B 314 2.42 -13.31 -36.88
CA GLY B 314 3.13 -12.44 -37.81
C GLY B 314 2.76 -10.96 -37.67
N ILE B 315 1.99 -10.65 -36.64
CA ILE B 315 1.62 -9.27 -36.29
C ILE B 315 2.79 -8.65 -35.51
N THR B 316 3.25 -7.47 -35.92
CA THR B 316 4.25 -6.72 -35.15
C THR B 316 3.61 -5.48 -34.48
N GLU B 317 2.38 -5.16 -34.88
CA GLU B 317 1.60 -4.06 -34.33
C GLU B 317 0.15 -4.42 -34.49
N MET B 318 -0.69 -3.92 -33.58
CA MET B 318 -2.11 -4.21 -33.68
C MET B 318 -2.94 -2.96 -33.99
N GLU B 319 -3.61 -2.40 -32.97
CA GLU B 319 -4.61 -1.35 -33.19
C GLU B 319 -4.01 -0.04 -33.73
N VAL B 320 -2.73 0.15 -33.49
CA VAL B 320 -2.00 1.33 -33.96
C VAL B 320 -0.56 0.93 -34.27
N THR B 321 -0.02 1.48 -35.36
CA THR B 321 1.37 1.20 -35.76
C THR B 321 2.32 2.06 -34.93
N ASP B 322 3.57 1.62 -34.80
CA ASP B 322 4.56 2.42 -34.07
C ASP B 322 4.71 3.78 -34.74
N GLU B 323 4.65 3.82 -36.07
CA GLU B 323 4.71 5.08 -36.83
C GLU B 323 3.65 6.11 -36.42
N VAL B 324 2.41 5.68 -36.21
CA VAL B 324 1.39 6.64 -35.76
C VAL B 324 1.61 7.02 -34.28
N PHE B 325 1.99 6.03 -33.48
CA PHE B 325 2.21 6.17 -32.05
C PHE B 325 3.34 7.16 -31.73
N THR B 326 4.29 7.30 -32.66
CA THR B 326 5.43 8.20 -32.46
C THR B 326 5.40 9.43 -33.37
N SER B 327 4.29 9.60 -34.08
CA SER B 327 4.12 10.71 -35.01
C SER B 327 3.76 12.02 -34.31
N LYS B 328 3.66 13.07 -35.12
CA LYS B 328 3.33 14.42 -34.72
C LYS B 328 1.90 14.54 -34.18
N TYR B 329 1.08 13.57 -34.52
CA TYR B 329 -0.33 13.51 -34.12
C TYR B 329 -0.53 12.95 -32.71
N ALA B 330 0.44 12.19 -32.22
CA ALA B 330 0.32 11.48 -30.95
C ALA B 330 0.05 12.42 -29.77
N ARG B 331 -1.05 12.17 -29.05
CA ARG B 331 -1.36 12.89 -27.80
C ARG B 331 -1.67 11.92 -26.66
N GLN B 332 -1.41 10.63 -26.86
CA GLN B 332 -1.77 9.62 -25.84
C GLN B 332 -1.04 9.74 -24.48
N PHE B 333 0.21 10.22 -24.51
CA PHE B 333 0.96 10.44 -23.28
C PHE B 333 0.50 11.68 -22.49
N GLU B 334 0.03 12.70 -23.20
CA GLU B 334 -0.62 13.89 -22.64
C GLU B 334 -1.97 13.49 -22.03
N GLU B 335 -2.72 12.70 -22.79
CA GLU B 335 -4.02 12.16 -22.41
C GLU B 335 -3.95 11.32 -21.11
N ALA B 336 -2.85 10.58 -20.96
CA ALA B 336 -2.56 9.77 -19.78
C ALA B 336 -2.13 10.59 -18.56
N GLU B 337 -1.25 11.57 -18.74
CA GLU B 337 -1.01 12.53 -17.66
C GLU B 337 -2.31 13.19 -17.21
N ASN B 338 -3.16 13.53 -18.19
CA ASN B 338 -4.47 14.14 -17.93
C ASN B 338 -5.45 13.27 -17.11
N ARG B 339 -5.15 11.98 -16.98
CA ARG B 339 -5.91 11.10 -16.06
C ARG B 339 -5.84 11.70 -14.66
N MET B 340 -4.64 12.06 -14.26
CA MET B 340 -4.35 12.68 -12.97
C MET B 340 -5.03 14.05 -12.78
N HIS B 341 -4.80 14.99 -13.70
CA HIS B 341 -5.38 16.34 -13.56
C HIS B 341 -6.91 16.34 -13.59
N SER B 342 -7.50 15.41 -14.33
CA SER B 342 -8.95 15.41 -14.45
C SER B 342 -9.57 14.78 -13.21
N ILE B 343 -8.86 13.83 -12.62
CA ILE B 343 -9.34 13.17 -11.42
C ILE B 343 -9.28 14.19 -10.28
N LYS B 344 -8.22 14.99 -10.27
CA LYS B 344 -8.03 16.05 -9.29
C LYS B 344 -9.19 17.09 -9.34
N ALA B 345 -9.58 17.51 -10.54
CA ALA B 345 -10.73 18.41 -10.68
C ALA B 345 -12.01 17.80 -10.11
N MET B 346 -12.24 16.53 -10.44
CA MET B 346 -13.39 15.76 -9.95
C MET B 346 -13.47 15.66 -8.41
N MET B 347 -12.39 15.19 -7.79
CA MET B 347 -12.22 15.17 -6.35
C MET B 347 -12.34 16.56 -5.72
N ALA B 348 -11.67 17.55 -6.29
CA ALA B 348 -11.70 18.89 -5.73
C ALA B 348 -13.13 19.45 -5.72
N ALA B 349 -13.88 19.27 -6.81
CA ALA B 349 -15.21 19.89 -6.91
C ALA B 349 -16.22 19.20 -6.00
N THR B 350 -15.97 17.93 -5.79
CA THR B 350 -16.91 17.03 -5.19
C THR B 350 -16.65 16.93 -3.65
N LEU B 351 -15.44 17.25 -3.23
CA LEU B 351 -15.05 17.06 -1.82
C LEU B 351 -14.34 18.24 -1.14
N GLY B 352 -13.88 19.22 -1.92
CA GLY B 352 -13.07 20.31 -1.38
C GLY B 352 -13.81 21.41 -0.63
N ASN B 353 -15.13 21.32 -0.56
CA ASN B 353 -15.98 22.38 0.03
C ASN B 353 -15.69 23.76 -0.56
N LEU B 354 -15.37 23.76 -1.85
CA LEU B 354 -15.13 24.98 -2.62
C LEU B 354 -16.44 25.72 -2.86
N PHE B 355 -16.37 27.04 -2.97
CA PHE B 355 -17.51 27.87 -3.33
C PHE B 355 -17.75 27.77 -4.84
N ILE B 356 -18.84 27.12 -5.20
CA ILE B 356 -19.28 27.00 -6.59
C ILE B 356 -20.79 27.21 -6.64
N PRO B 357 -21.24 28.48 -6.72
CA PRO B 357 -22.68 28.73 -6.70
C PRO B 357 -23.40 28.26 -7.99
N ARG B 358 -22.71 28.35 -9.12
CA ARG B 358 -23.33 28.05 -10.42
C ARG B 358 -22.30 27.41 -11.37
N VAL B 359 -22.72 26.39 -12.10
CA VAL B 359 -21.80 25.63 -12.91
C VAL B 359 -21.34 26.45 -14.13
N LYS C 19 17.74 32.42 -17.96
CA LYS C 19 19.01 31.87 -17.37
C LYS C 19 18.77 31.13 -16.05
N ASP C 20 19.01 29.81 -16.05
CA ASP C 20 18.90 28.97 -14.86
C ASP C 20 20.13 29.14 -13.94
N PHE C 21 19.91 29.77 -12.79
CA PHE C 21 20.99 29.99 -11.82
C PHE C 21 21.04 28.90 -10.74
N ARG C 22 20.21 27.88 -10.90
CA ARG C 22 20.24 26.72 -10.04
C ARG C 22 21.51 25.94 -10.22
N GLN C 23 22.15 25.58 -9.11
CA GLN C 23 23.35 24.77 -9.14
C GLN C 23 23.20 23.53 -8.27
N ASN C 24 23.28 22.38 -8.92
CA ASN C 24 23.27 21.10 -8.23
C ASN C 24 23.71 19.96 -9.14
N VAL C 25 24.86 19.38 -8.81
CA VAL C 25 25.46 18.33 -9.64
C VAL C 25 24.64 17.03 -9.62
N PHE C 26 23.94 16.76 -8.52
CA PHE C 26 23.11 15.56 -8.39
C PHE C 26 21.68 15.72 -8.90
N GLN C 27 21.17 16.95 -8.94
CA GLN C 27 19.75 17.17 -9.17
C GLN C 27 19.32 16.57 -10.49
N GLY C 28 18.24 15.78 -10.45
CA GLY C 28 17.66 15.20 -11.66
C GLY C 28 18.32 13.91 -12.12
N ARG C 29 19.41 13.54 -11.47
CA ARG C 29 20.19 12.36 -11.87
C ARG C 29 19.65 11.08 -11.23
N SER C 30 19.72 10.00 -12.00
CA SER C 30 19.37 8.68 -11.55
C SER C 30 20.57 7.99 -10.90
N VAL C 31 20.31 7.09 -9.95
CA VAL C 31 21.36 6.34 -9.24
C VAL C 31 21.12 4.85 -9.54
N LEU C 32 21.77 4.36 -10.59
CA LEU C 32 21.49 3.02 -11.11
C LEU C 32 22.60 2.01 -10.85
N ALA C 33 23.81 2.51 -10.64
CA ALA C 33 25.00 1.69 -10.54
C ALA C 33 26.07 2.51 -9.84
N GLU C 34 26.70 1.93 -8.83
CA GLU C 34 27.68 2.66 -8.04
C GLU C 34 28.85 3.16 -8.86
N LYS C 35 29.27 2.37 -9.86
CA LYS C 35 30.33 2.76 -10.80
C LYS C 35 30.08 4.08 -11.58
N ASP C 36 28.84 4.56 -11.60
CA ASP C 36 28.47 5.78 -12.36
C ASP C 36 28.81 7.10 -11.63
N PHE C 37 29.33 6.97 -10.41
CA PHE C 37 29.67 8.13 -9.58
C PHE C 37 31.11 8.05 -9.11
N SER C 38 31.74 9.23 -9.01
CA SER C 38 33.13 9.35 -8.58
C SER C 38 33.22 9.20 -7.09
N ALA C 39 34.43 8.99 -6.58
CA ALA C 39 34.64 8.87 -5.16
C ALA C 39 34.20 10.13 -4.40
N ALA C 40 34.34 11.29 -5.05
CA ALA C 40 33.92 12.55 -4.45
C ALA C 40 32.40 12.54 -4.26
N GLU C 41 31.69 12.14 -5.30
CA GLU C 41 30.24 12.08 -5.28
C GLU C 41 29.71 11.08 -4.26
N LEU C 42 30.34 9.91 -4.18
CA LEU C 42 29.93 8.88 -3.23
C LEU C 42 30.16 9.29 -1.78
N GLU C 43 31.30 9.92 -1.51
CA GLU C 43 31.64 10.41 -0.15
C GLU C 43 30.68 11.52 0.28
N TYR C 44 30.33 12.41 -0.64
CA TYR C 44 29.37 13.48 -0.38
C TYR C 44 28.05 12.89 0.08
N LEU C 45 27.56 11.88 -0.65
CA LEU C 45 26.31 11.23 -0.32
C LEU C 45 26.37 10.57 1.04
N ILE C 46 27.51 9.91 1.30
CA ILE C 46 27.76 9.24 2.56
C ILE C 46 27.76 10.25 3.71
N ASP C 47 28.55 11.29 3.56
CA ASP C 47 28.64 12.39 4.54
C ASP C 47 27.30 13.11 4.73
N PHE C 48 26.56 13.31 3.64
CA PHE C 48 25.19 13.84 3.66
C PHE C 48 24.27 12.93 4.51
N GLY C 49 24.45 11.62 4.39
CA GLY C 49 23.66 10.70 5.19
C GLY C 49 23.92 10.79 6.67
N LEU C 50 25.20 10.89 7.06
CA LEU C 50 25.53 11.02 8.48
C LEU C 50 25.06 12.34 9.09
N HIS C 51 25.08 13.40 8.29
CA HIS C 51 24.54 14.70 8.68
C HIS C 51 23.00 14.63 8.92
N LEU C 52 22.26 14.06 7.96
CA LEU C 52 20.80 13.87 8.07
C LEU C 52 20.36 12.95 9.23
N LYS C 53 21.16 11.92 9.50
CA LYS C 53 20.97 11.07 10.68
C LYS C 53 21.03 11.91 11.95
N ALA C 54 22.05 12.77 12.04
CA ALA C 54 22.18 13.72 13.16
C ALA C 54 20.96 14.63 13.25
N LEU C 55 20.56 15.22 12.14
CA LEU C 55 19.33 16.00 12.05
C LEU C 55 18.11 15.25 12.62
N LYS C 56 17.82 14.06 12.09
CA LYS C 56 16.70 13.27 12.59
C LYS C 56 16.80 12.97 14.11
N LYS C 57 17.98 12.63 14.60
CA LYS C 57 18.15 12.35 16.04
C LYS C 57 17.78 13.59 16.87
N ALA C 58 18.08 14.78 16.33
CA ALA C 58 17.82 16.05 17.05
C ALA C 58 16.39 16.61 16.84
N GLY C 59 15.61 15.94 16.00
CA GLY C 59 14.29 16.46 15.61
C GLY C 59 14.34 17.71 14.75
N ILE C 60 15.43 17.91 14.01
CA ILE C 60 15.59 19.06 13.10
C ILE C 60 14.94 18.81 11.72
N PRO C 61 13.94 19.65 11.35
CA PRO C 61 13.15 19.47 10.12
C PRO C 61 14.03 19.53 8.88
N HIS C 62 13.66 18.71 7.88
CA HIS C 62 14.36 18.71 6.60
C HIS C 62 13.49 18.20 5.45
N HIS C 63 12.33 18.83 5.27
CA HIS C 63 11.37 18.44 4.21
C HIS C 63 11.74 18.97 2.84
N TYR C 64 12.88 18.52 2.35
CA TYR C 64 13.43 18.95 1.07
C TYR C 64 12.62 18.48 -0.12
N LEU C 65 11.76 17.48 0.10
CA LEU C 65 10.91 16.93 -0.97
C LEU C 65 9.42 17.24 -0.75
N GLU C 66 9.16 18.30 0.02
CA GLU C 66 7.81 18.74 0.36
C GLU C 66 6.88 18.77 -0.85
N GLY C 67 5.71 18.16 -0.67
CA GLY C 67 4.72 18.12 -1.74
C GLY C 67 4.94 17.10 -2.85
N LYS C 68 6.05 16.38 -2.83
CA LYS C 68 6.30 15.40 -3.92
C LYS C 68 5.64 14.03 -3.78
N ASN C 69 5.39 13.43 -4.96
CA ASN C 69 4.95 12.04 -5.09
C ASN C 69 6.10 11.16 -5.58
N ILE C 70 6.24 10.00 -4.93
CA ILE C 70 7.26 9.05 -5.31
C ILE C 70 6.65 7.67 -5.54
N ALA C 71 6.96 7.08 -6.70
CA ALA C 71 6.56 5.70 -7.02
C ALA C 71 7.64 4.71 -6.59
N LEU C 72 7.30 3.74 -5.75
CA LEU C 72 8.22 2.65 -5.39
C LEU C 72 7.85 1.30 -6.11
N LEU C 73 8.59 0.95 -7.18
CA LEU C 73 8.33 -0.30 -7.92
C LEU C 73 9.18 -1.42 -7.35
N PHE C 74 8.55 -2.56 -7.05
CA PHE C 74 9.27 -3.75 -6.62
C PHE C 74 8.80 -4.94 -7.45
N GLU C 75 9.65 -5.43 -8.35
CA GLU C 75 9.32 -6.65 -9.11
C GLU C 75 9.30 -7.86 -8.20
N LYS C 76 10.13 -7.85 -7.17
CA LYS C 76 10.10 -8.88 -6.13
C LYS C 76 10.08 -8.21 -4.78
N SER C 77 9.42 -8.87 -3.83
CA SER C 77 9.34 -8.41 -2.45
C SER C 77 10.72 -8.06 -1.90
N SER C 78 10.85 -6.85 -1.34
CA SER C 78 12.10 -6.40 -0.74
C SER C 78 11.76 -5.34 0.33
N THR C 79 11.29 -5.83 1.47
CA THR C 79 10.59 -5.04 2.48
C THR C 79 11.47 -4.08 3.30
N ARG C 80 12.69 -4.53 3.64
CA ARG C 80 13.67 -3.68 4.28
C ARG C 80 14.03 -2.49 3.38
N THR C 81 14.24 -2.75 2.09
CA THR C 81 14.49 -1.67 1.13
C THR C 81 13.27 -0.77 0.98
N ARG C 82 12.10 -1.39 0.87
CA ARG C 82 10.81 -0.68 0.77
C ARG C 82 10.63 0.28 1.95
N SER C 83 10.93 -0.20 3.15
CA SER C 83 10.79 0.53 4.40
C SER C 83 11.72 1.74 4.52
N ALA C 84 13.00 1.54 4.18
CA ALA C 84 13.99 2.61 4.12
C ALA C 84 13.53 3.73 3.19
N PHE C 85 13.05 3.36 2.00
CA PHE C 85 12.58 4.32 1.02
C PHE C 85 11.31 5.05 1.49
N THR C 86 10.47 4.32 2.22
CA THR C 86 9.16 4.85 2.67
C THR C 86 9.36 5.87 3.76
N THR C 87 10.11 5.50 4.78
CA THR C 87 10.36 6.37 5.91
C THR C 87 11.24 7.57 5.55
N ALA C 88 12.24 7.35 4.71
CA ALA C 88 13.01 8.42 4.07
C ALA C 88 12.14 9.43 3.32
N SER C 89 11.27 8.95 2.43
CA SER C 89 10.33 9.81 1.69
C SER C 89 9.54 10.71 2.62
N ILE C 90 8.94 10.09 3.64
CA ILE C 90 8.10 10.80 4.61
C ILE C 90 8.86 11.86 5.42
N ASP C 91 10.07 11.52 5.90
CA ASP C 91 10.96 12.47 6.57
C ASP C 91 11.28 13.69 5.71
N LEU C 92 11.40 13.45 4.40
CA LEU C 92 11.63 14.50 3.40
C LEU C 92 10.37 15.21 2.91
N GLY C 93 9.18 14.75 3.29
CA GLY C 93 7.95 15.47 2.94
C GLY C 93 7.25 14.97 1.67
N ALA C 94 7.79 13.89 1.09
CA ALA C 94 7.22 13.30 -0.11
C ALA C 94 6.37 12.10 0.27
N HIS C 95 5.37 11.78 -0.56
CA HIS C 95 4.54 10.63 -0.32
C HIS C 95 4.86 9.50 -1.29
N PRO C 96 5.32 8.35 -0.76
CA PRO C 96 5.64 7.14 -1.52
C PRO C 96 4.41 6.26 -1.72
N GLU C 97 4.26 5.72 -2.93
CA GLU C 97 3.29 4.66 -3.17
C GLU C 97 3.97 3.40 -3.69
N TYR C 98 3.68 2.30 -2.99
CA TYR C 98 4.25 0.99 -3.29
C TYR C 98 3.47 0.30 -4.40
N LEU C 99 4.20 -0.08 -5.45
CA LEU C 99 3.64 -0.84 -6.56
C LEU C 99 4.46 -2.11 -6.70
N GLY C 100 3.90 -3.22 -6.21
CA GLY C 100 4.62 -4.49 -6.13
C GLY C 100 4.29 -5.41 -7.29
N GLN C 101 4.68 -6.68 -7.14
CA GLN C 101 4.55 -7.67 -8.22
C GLN C 101 3.15 -7.88 -8.82
N ASN C 102 2.12 -7.80 -7.98
CA ASN C 102 0.74 -7.94 -8.47
C ASN C 102 0.23 -6.64 -9.10
N ASP C 103 1.00 -5.58 -8.93
CA ASP C 103 0.59 -4.26 -9.36
C ASP C 103 1.28 -3.87 -10.66
N ILE C 104 2.53 -4.28 -10.82
CA ILE C 104 3.29 -3.94 -12.03
C ILE C 104 4.11 -5.11 -12.58
N GLN C 105 4.09 -5.25 -13.90
CA GLN C 105 5.01 -6.15 -14.61
C GLN C 105 5.58 -5.41 -15.84
N LEU C 106 6.73 -4.75 -15.63
CA LEU C 106 7.41 -4.00 -16.68
C LEU C 106 7.77 -4.84 -17.90
N GLY C 107 7.28 -4.41 -19.05
CA GLY C 107 7.56 -5.06 -20.33
C GLY C 107 6.75 -6.32 -20.61
N LYS C 108 5.79 -6.64 -19.74
CA LYS C 108 5.00 -7.85 -19.91
C LYS C 108 3.87 -7.60 -20.90
N LYS C 109 2.96 -6.73 -20.48
CA LYS C 109 1.78 -6.36 -21.26
C LYS C 109 2.04 -5.06 -22.00
N GLU C 110 2.70 -4.12 -21.30
CA GLU C 110 3.02 -2.81 -21.84
C GLU C 110 4.53 -2.60 -21.79
N SER C 111 5.07 -1.93 -22.81
CA SER C 111 6.50 -1.70 -22.87
C SER C 111 6.96 -0.84 -21.70
N THR C 112 8.16 -1.14 -21.20
CA THR C 112 8.75 -0.43 -20.07
C THR C 112 8.89 1.05 -20.35
N SER C 113 9.16 1.37 -21.61
CA SER C 113 9.24 2.75 -22.09
C SER C 113 7.93 3.52 -21.92
N ASP C 114 6.82 2.95 -22.40
CA ASP C 114 5.49 3.55 -22.22
C ASP C 114 5.12 3.75 -20.74
N THR C 115 5.42 2.75 -19.91
CA THR C 115 5.18 2.81 -18.48
C THR C 115 6.01 3.92 -17.82
N ALA C 116 7.29 4.01 -18.19
CA ALA C 116 8.20 5.06 -17.74
C ALA C 116 7.65 6.44 -18.02
N LYS C 117 7.19 6.67 -19.25
CA LYS C 117 6.69 7.98 -19.59
C LYS C 117 5.51 8.35 -18.70
N VAL C 118 4.52 7.45 -18.61
CA VAL C 118 3.32 7.76 -17.80
C VAL C 118 3.69 7.95 -16.33
N LEU C 119 4.45 7.01 -15.78
CA LEU C 119 4.99 7.15 -14.42
C LEU C 119 5.61 8.52 -14.18
N GLY C 120 6.48 8.93 -15.10
CA GLY C 120 7.25 10.16 -14.96
C GLY C 120 6.35 11.37 -15.05
N SER C 121 5.16 11.20 -15.61
CA SER C 121 4.23 12.33 -15.77
C SER C 121 3.39 12.60 -14.51
N MET C 122 3.40 11.67 -13.55
CA MET C 122 2.56 11.79 -12.35
C MET C 122 3.42 11.85 -11.11
N PHE C 123 4.51 11.09 -11.10
CA PHE C 123 5.43 11.03 -9.97
C PHE C 123 6.70 11.87 -10.16
N ASP C 124 7.30 12.29 -9.05
CA ASP C 124 8.49 13.16 -9.08
C ASP C 124 9.84 12.43 -9.02
N GLY C 125 9.80 11.18 -8.57
CA GLY C 125 10.92 10.28 -8.59
C GLY C 125 10.35 8.88 -8.63
N ILE C 126 11.22 7.89 -8.94
CA ILE C 126 10.82 6.48 -9.11
C ILE C 126 11.92 5.59 -8.52
N GLU C 127 11.57 4.79 -7.51
CA GLU C 127 12.44 3.70 -7.08
C GLU C 127 12.08 2.46 -7.92
N PHE C 128 13.11 1.73 -8.37
CA PHE C 128 12.91 0.46 -9.06
C PHE C 128 13.78 -0.64 -8.44
N ARG C 129 13.14 -1.71 -7.96
CA ARG C 129 13.82 -2.95 -7.63
C ARG C 129 13.27 -4.04 -8.55
N GLY C 130 14.17 -4.68 -9.28
CA GLY C 130 13.81 -5.72 -10.24
C GLY C 130 15.05 -6.45 -10.73
N PHE C 131 14.87 -7.51 -11.50
CA PHE C 131 16.03 -8.27 -11.99
C PHE C 131 16.88 -7.52 -13.01
N LYS C 132 16.24 -6.93 -14.02
CA LYS C 132 16.97 -6.42 -15.17
C LYS C 132 17.45 -4.98 -15.02
N GLN C 133 18.78 -4.79 -15.08
CA GLN C 133 19.37 -3.46 -15.11
C GLN C 133 18.84 -2.62 -16.27
N SER C 134 18.61 -3.27 -17.42
CA SER C 134 18.07 -2.57 -18.58
C SER C 134 16.71 -1.94 -18.31
N ASP C 135 15.93 -2.49 -17.37
CA ASP C 135 14.66 -1.88 -17.00
C ASP C 135 14.90 -0.58 -16.22
N ALA C 136 15.86 -0.61 -15.31
CA ALA C 136 16.28 0.58 -14.58
C ALA C 136 16.70 1.70 -15.54
N GLU C 137 17.46 1.32 -16.56
CA GLU C 137 17.96 2.25 -17.59
C GLU C 137 16.86 2.85 -18.49
N ILE C 138 15.91 2.02 -18.90
CA ILE C 138 14.77 2.49 -19.68
C ILE C 138 13.91 3.48 -18.86
N LEU C 139 13.70 3.15 -17.59
CA LEU C 139 13.01 4.01 -16.63
C LEU C 139 13.70 5.38 -16.51
N ALA C 140 14.99 5.37 -16.20
CA ALA C 140 15.80 6.60 -16.17
C ALA C 140 15.75 7.38 -17.49
N ARG C 141 15.88 6.68 -18.62
CA ARG C 141 15.86 7.29 -19.95
C ARG C 141 14.53 7.92 -20.34
N ASP C 142 13.43 7.25 -20.03
CA ASP C 142 12.14 7.68 -20.59
C ASP C 142 11.21 8.41 -19.62
N SER C 143 11.45 8.29 -18.32
CA SER C 143 10.53 8.82 -17.29
C SER C 143 10.67 10.34 -17.08
N GLY C 144 11.90 10.82 -17.16
CA GLY C 144 12.18 12.26 -17.07
C GLY C 144 12.34 12.69 -15.62
N VAL C 145 12.45 11.70 -14.71
CA VAL C 145 12.56 11.96 -13.30
C VAL C 145 13.71 11.13 -12.77
N PRO C 146 14.26 11.51 -11.60
CA PRO C 146 15.27 10.64 -11.02
C PRO C 146 14.73 9.24 -10.72
N VAL C 147 15.53 8.24 -11.07
CA VAL C 147 15.20 6.84 -10.86
C VAL C 147 16.29 6.24 -9.98
N TRP C 148 15.89 5.53 -8.92
CA TRP C 148 16.84 4.99 -7.96
C TRP C 148 16.75 3.47 -7.97
N ASN C 149 17.91 2.82 -8.17
CA ASN C 149 17.99 1.36 -8.19
C ASN C 149 18.01 0.76 -6.79
N GLY C 150 16.88 0.18 -6.37
CA GLY C 150 16.79 -0.46 -5.06
C GLY C 150 17.35 -1.88 -4.95
N LEU C 151 17.85 -2.41 -6.07
CA LEU C 151 18.52 -3.73 -6.24
C LEU C 151 18.21 -4.30 -7.63
N THR C 152 19.26 -4.58 -8.42
CA THR C 152 19.11 -5.33 -9.68
C THR C 152 20.03 -6.54 -9.62
N ASP C 153 20.00 -7.39 -10.65
CA ASP C 153 20.97 -8.50 -10.77
C ASP C 153 22.40 -7.99 -10.77
N GLU C 154 22.62 -6.82 -11.36
CA GLU C 154 23.98 -6.26 -11.47
C GLU C 154 24.47 -5.37 -10.31
N TRP C 155 23.58 -4.53 -9.75
CA TRP C 155 24.02 -3.51 -8.79
C TRP C 155 23.08 -3.31 -7.61
N HIS C 156 23.68 -2.95 -6.48
CA HIS C 156 22.95 -2.61 -5.27
C HIS C 156 23.48 -1.29 -4.66
N PRO C 157 23.24 -0.15 -5.35
CA PRO C 157 23.91 1.08 -4.87
C PRO C 157 23.51 1.57 -3.46
N THR C 158 22.22 1.49 -3.13
CA THR C 158 21.73 2.03 -1.86
C THR C 158 22.33 1.25 -0.69
N GLN C 159 22.54 -0.05 -0.90
CA GLN C 159 23.21 -0.87 0.09
C GLN C 159 24.67 -0.43 0.27
N MET C 160 25.36 -0.12 -0.82
CA MET C 160 26.76 0.33 -0.71
C MET C 160 26.86 1.67 0.03
N LEU C 161 25.88 2.54 -0.20
CA LEU C 161 25.82 3.82 0.52
C LEU C 161 25.63 3.58 2.01
N ALA C 162 24.68 2.70 2.37
CA ALA C 162 24.49 2.37 3.78
C ALA C 162 25.75 1.78 4.41
N ASP C 163 26.42 0.93 3.65
CA ASP C 163 27.57 0.18 4.14
C ASP C 163 28.80 1.03 4.39
N PHE C 164 29.17 1.88 3.44
CA PHE C 164 30.33 2.74 3.66
C PHE C 164 30.06 3.93 4.60
N MET C 165 28.80 4.37 4.67
CA MET C 165 28.33 5.28 5.70
C MET C 165 28.59 4.68 7.08
N THR C 166 28.28 3.39 7.22
CA THR C 166 28.50 2.67 8.47
C THR C 166 29.98 2.58 8.82
N VAL C 167 30.83 2.29 7.83
CA VAL C 167 32.28 2.24 8.03
C VAL C 167 32.84 3.59 8.53
N LYS C 168 32.50 4.67 7.81
CA LYS C 168 32.84 6.04 8.18
C LYS C 168 32.29 6.46 9.54
N GLU C 169 31.08 6.02 9.85
CA GLU C 169 30.48 6.30 11.15
C GLU C 169 31.34 5.77 12.29
N ASN C 170 32.05 4.67 12.02
CA ASN C 170 32.85 4.01 13.02
C ASN C 170 34.32 4.45 13.05
N PHE C 171 34.83 4.91 11.90
CA PHE C 171 36.27 5.14 11.72
C PHE C 171 36.70 6.56 11.30
N GLY C 172 35.85 7.30 10.60
CA GLY C 172 36.27 8.56 9.96
C GLY C 172 36.83 8.31 8.57
N LYS C 173 38.10 8.63 8.34
CA LYS C 173 38.67 8.55 6.98
C LYS C 173 38.57 7.13 6.36
N LEU C 174 37.76 7.00 5.28
CA LEU C 174 37.58 5.73 4.55
C LEU C 174 38.86 5.20 3.87
N GLN C 175 39.58 6.08 3.16
CA GLN C 175 40.79 5.68 2.42
C GLN C 175 41.79 5.00 3.35
N GLY C 176 42.36 3.90 2.87
CA GLY C 176 43.39 3.18 3.63
C GLY C 176 42.83 2.16 4.61
N LEU C 177 41.51 2.13 4.77
CA LEU C 177 40.89 1.10 5.58
C LEU C 177 40.88 -0.23 4.81
N THR C 178 40.69 -1.31 5.54
CA THR C 178 40.56 -2.61 4.91
C THR C 178 39.22 -3.29 5.27
N LEU C 179 38.42 -3.57 4.24
CA LEU C 179 37.17 -4.29 4.43
C LEU C 179 37.28 -5.68 3.78
N THR C 180 36.99 -6.70 4.57
CA THR C 180 37.09 -8.09 4.10
C THR C 180 35.71 -8.75 4.02
N PHE C 181 35.30 -9.13 2.83
CA PHE C 181 34.10 -9.94 2.68
C PHE C 181 34.46 -11.43 2.71
N MET C 182 33.73 -12.19 3.51
CA MET C 182 33.96 -13.61 3.62
C MET C 182 32.79 -14.44 3.15
N GLY C 183 33.08 -15.41 2.28
CA GLY C 183 32.11 -16.42 1.85
C GLY C 183 31.91 -16.47 0.35
N ASP C 184 30.67 -16.27 -0.09
CA ASP C 184 30.33 -16.28 -1.50
C ASP C 184 30.82 -14.98 -2.14
N GLY C 185 32.03 -15.02 -2.67
CA GLY C 185 32.65 -13.84 -3.32
C GLY C 185 32.07 -13.56 -4.70
N ARG C 186 31.05 -14.33 -5.06
CA ARG C 186 30.35 -14.19 -6.34
C ARG C 186 28.93 -13.61 -6.15
N ASN C 187 28.55 -13.43 -4.88
CA ASN C 187 27.23 -12.89 -4.54
C ASN C 187 27.22 -11.39 -4.80
N ASN C 188 26.09 -10.81 -5.22
CA ASN C 188 26.15 -9.44 -5.74
C ASN C 188 26.53 -8.33 -4.75
N VAL C 189 26.34 -8.60 -3.46
CA VAL C 189 26.89 -7.75 -2.38
C VAL C 189 28.43 -7.69 -2.45
N ALA C 190 29.09 -8.85 -2.39
CA ALA C 190 30.55 -8.93 -2.57
C ALA C 190 31.05 -8.22 -3.85
N ASN C 191 30.35 -8.41 -4.96
CA ASN C 191 30.73 -7.73 -6.22
C ASN C 191 30.64 -6.21 -6.14
N SER C 192 29.55 -5.73 -5.54
CA SER C 192 29.36 -4.30 -5.31
C SER C 192 30.39 -3.70 -4.36
N LEU C 193 30.74 -4.46 -3.32
CA LEU C 193 31.72 -4.01 -2.34
C LEU C 193 33.11 -3.87 -2.96
N LEU C 194 33.45 -4.81 -3.84
CA LEU C 194 34.75 -4.82 -4.49
C LEU C 194 34.91 -3.58 -5.36
N VAL C 195 33.93 -3.33 -6.24
CA VAL C 195 33.89 -2.14 -7.09
C VAL C 195 33.83 -0.82 -6.29
N THR C 196 32.89 -0.72 -5.35
CA THR C 196 32.70 0.50 -4.56
C THR C 196 33.91 0.79 -3.66
N GLY C 197 34.42 -0.24 -2.99
CA GLY C 197 35.63 -0.08 -2.18
C GLY C 197 36.78 0.39 -3.06
N ALA C 198 36.84 -0.14 -4.30
CA ALA C 198 37.81 0.26 -5.30
C ALA C 198 37.73 1.74 -5.66
N ILE C 199 36.51 2.21 -5.97
CA ILE C 199 36.29 3.63 -6.28
C ILE C 199 36.67 4.52 -5.09
N LEU C 200 36.34 4.07 -3.87
CA LEU C 200 36.55 4.85 -2.64
C LEU C 200 37.97 4.83 -2.06
N GLY C 201 38.85 3.95 -2.56
CA GLY C 201 40.19 3.83 -1.99
C GLY C 201 40.22 3.06 -0.67
N VAL C 202 39.21 2.22 -0.48
CA VAL C 202 39.20 1.27 0.62
C VAL C 202 39.82 -0.01 0.07
N ASN C 203 40.73 -0.62 0.82
CA ASN C 203 41.27 -1.93 0.47
C ASN C 203 40.18 -2.99 0.68
N ILE C 204 39.94 -3.79 -0.36
CA ILE C 204 38.96 -4.88 -0.30
C ILE C 204 39.62 -6.26 -0.42
N HIS C 205 39.35 -7.10 0.57
CA HIS C 205 39.75 -8.51 0.55
C HIS C 205 38.51 -9.37 0.37
N ILE C 206 38.55 -10.26 -0.61
CA ILE C 206 37.49 -11.26 -0.79
C ILE C 206 38.06 -12.63 -0.42
N VAL C 207 37.53 -13.20 0.66
CA VAL C 207 37.96 -14.50 1.13
C VAL C 207 36.84 -15.51 0.89
N ALA C 208 37.06 -16.36 -0.11
CA ALA C 208 36.04 -17.23 -0.68
C ALA C 208 36.71 -18.53 -1.17
N PRO C 209 35.95 -19.66 -1.17
CA PRO C 209 36.52 -20.82 -1.86
C PRO C 209 36.73 -20.43 -3.32
N LYS C 210 37.76 -21.00 -3.96
CA LYS C 210 38.06 -20.63 -5.35
C LYS C 210 36.85 -20.73 -6.29
N ALA C 211 35.98 -21.71 -6.05
CA ALA C 211 34.78 -21.88 -6.90
C ALA C 211 33.86 -20.66 -6.87
N LEU C 212 33.96 -19.85 -5.81
CA LEU C 212 33.07 -18.70 -5.65
C LEU C 212 33.81 -17.35 -5.66
N PHE C 213 34.99 -17.32 -6.28
CA PHE C 213 35.71 -16.07 -6.56
C PHE C 213 34.89 -15.14 -7.47
N PRO C 214 35.04 -13.82 -7.32
CA PRO C 214 34.36 -12.96 -8.29
C PRO C 214 34.79 -13.30 -9.73
N THR C 215 33.93 -13.02 -10.70
CA THR C 215 34.25 -13.27 -12.10
C THR C 215 35.38 -12.37 -12.59
N GLU C 216 35.94 -12.70 -13.74
CA GLU C 216 37.02 -11.91 -14.33
C GLU C 216 36.52 -10.51 -14.70
N GLU C 217 35.29 -10.44 -15.23
CA GLU C 217 34.61 -9.16 -15.48
C GLU C 217 34.48 -8.26 -14.24
N THR C 218 34.05 -8.84 -13.11
CA THR C 218 33.95 -8.08 -11.84
C THR C 218 35.31 -7.64 -11.34
N GLN C 219 36.27 -8.57 -11.35
CA GLN C 219 37.62 -8.26 -10.95
C GLN C 219 38.25 -7.16 -11.79
N ASN C 220 38.00 -7.18 -13.09
CA ASN C 220 38.56 -6.18 -14.02
C ASN C 220 37.99 -4.77 -13.89
N ILE C 221 36.68 -4.68 -13.61
CA ILE C 221 36.03 -3.40 -13.32
C ILE C 221 36.65 -2.77 -12.07
N ALA C 222 36.79 -3.56 -11.01
CA ALA C 222 37.33 -3.09 -9.75
C ALA C 222 38.81 -2.73 -9.81
N LYS C 223 39.56 -3.48 -10.63
CA LYS C 223 40.98 -3.21 -10.86
C LYS C 223 41.22 -1.86 -11.56
N GLY C 224 40.41 -1.54 -12.55
CA GLY C 224 40.41 -0.21 -13.18
C GLY C 224 40.29 0.94 -12.18
N PHE C 225 39.32 0.84 -11.28
CA PHE C 225 39.06 1.91 -10.32
C PHE C 225 40.14 2.00 -9.26
N ALA C 226 40.63 0.84 -8.81
CA ALA C 226 41.66 0.77 -7.79
C ALA C 226 43.02 1.36 -8.21
N GLU C 227 43.34 1.35 -9.51
CA GLU C 227 44.64 1.89 -9.99
C GLU C 227 44.71 3.38 -9.66
N LYS C 228 43.58 4.06 -9.88
CA LYS C 228 43.48 5.50 -9.69
C LYS C 228 43.28 5.86 -8.21
N SER C 229 42.68 4.97 -7.43
CA SER C 229 42.35 5.25 -6.04
C SER C 229 43.41 4.76 -5.05
N GLY C 230 44.23 3.82 -5.49
CA GLY C 230 45.29 3.27 -4.65
C GLY C 230 44.82 2.13 -3.77
N ALA C 231 43.61 1.66 -4.05
CA ALA C 231 43.00 0.59 -3.30
C ALA C 231 43.73 -0.73 -3.58
N LYS C 232 44.02 -1.47 -2.51
CA LYS C 232 44.61 -2.79 -2.64
C LYS C 232 43.55 -3.89 -2.62
N LEU C 233 43.36 -4.54 -3.76
CA LEU C 233 42.39 -5.64 -3.92
C LEU C 233 43.07 -6.99 -3.72
N VAL C 234 42.50 -7.83 -2.86
CA VAL C 234 43.01 -9.19 -2.61
C VAL C 234 41.87 -10.20 -2.71
N ILE C 235 42.03 -11.17 -3.62
CA ILE C 235 41.08 -12.28 -3.74
C ILE C 235 41.81 -13.59 -3.45
N THR C 236 41.41 -14.26 -2.37
CA THR C 236 42.10 -15.44 -1.88
C THR C 236 41.16 -16.42 -1.19
N ASP C 237 41.51 -17.70 -1.24
CA ASP C 237 40.80 -18.71 -0.48
C ASP C 237 41.48 -18.98 0.84
N ASP C 238 42.60 -18.29 1.07
CA ASP C 238 43.34 -18.41 2.31
C ASP C 238 42.80 -17.47 3.38
N LEU C 239 42.21 -18.04 4.43
CA LEU C 239 41.67 -17.31 5.56
C LEU C 239 42.67 -16.36 6.25
N ASP C 240 43.87 -16.86 6.53
CA ASP C 240 44.84 -16.10 7.33
C ASP C 240 45.42 -14.90 6.58
N GLU C 241 45.66 -15.10 5.30
CA GLU C 241 46.15 -14.05 4.43
C GLU C 241 45.05 -13.02 4.12
N GLY C 242 43.81 -13.50 3.95
CA GLY C 242 42.68 -12.63 3.63
C GLY C 242 42.21 -11.78 4.80
N LEU C 243 42.17 -12.36 5.99
CA LEU C 243 41.63 -11.69 7.16
C LEU C 243 42.60 -10.68 7.75
N LYS C 244 43.90 -10.87 7.49
CA LYS C 244 44.96 -10.09 8.13
C LYS C 244 44.88 -8.58 7.84
N GLY C 245 44.71 -7.80 8.91
CA GLY C 245 44.66 -6.33 8.83
C GLY C 245 43.28 -5.73 8.57
N SER C 246 42.25 -6.57 8.58
CA SER C 246 40.86 -6.16 8.33
C SER C 246 40.33 -5.18 9.40
N ASN C 247 39.74 -4.08 8.96
CA ASN C 247 39.01 -3.20 9.88
C ASN C 247 37.55 -3.58 9.98
N VAL C 248 37.07 -4.16 8.87
CA VAL C 248 35.71 -4.66 8.78
C VAL C 248 35.71 -6.12 8.30
N VAL C 249 35.07 -7.01 9.07
CA VAL C 249 34.73 -8.34 8.56
C VAL C 249 33.23 -8.37 8.18
N TYR C 250 32.97 -8.58 6.90
CA TYR C 250 31.62 -8.50 6.33
C TYR C 250 31.24 -9.87 5.76
N THR C 251 30.05 -10.37 6.09
CA THR C 251 29.54 -11.56 5.41
C THR C 251 28.08 -11.45 4.92
N ASP C 252 27.57 -12.54 4.37
CA ASP C 252 26.20 -12.63 3.86
C ASP C 252 25.88 -14.14 3.73
N VAL C 253 24.61 -14.48 3.46
CA VAL C 253 24.14 -15.88 3.42
C VAL C 253 24.88 -16.77 2.40
N TRP C 254 25.13 -18.02 2.79
CA TRP C 254 25.74 -19.00 1.90
C TRP C 254 24.73 -19.48 0.86
N VAL C 255 23.49 -19.66 1.30
CA VAL C 255 22.44 -20.21 0.43
C VAL C 255 21.09 -19.50 0.62
N SER C 256 20.36 -19.37 -0.48
CA SER C 256 19.03 -18.76 -0.49
C SER C 256 17.90 -19.80 -0.48
N MET C 257 16.66 -19.28 -0.50
CA MET C 257 15.40 -20.05 -0.59
C MET C 257 15.43 -21.12 -1.69
N GLY C 258 15.39 -22.39 -1.29
CA GLY C 258 15.39 -23.51 -2.24
C GLY C 258 16.38 -23.34 -3.39
N GLU C 259 17.64 -23.09 -3.05
CA GLU C 259 18.68 -22.93 -4.06
C GLU C 259 19.22 -24.30 -4.45
N SER C 260 19.55 -24.47 -5.73
CA SER C 260 20.24 -25.66 -6.23
C SER C 260 21.66 -25.72 -5.68
N ASN C 261 22.28 -26.89 -5.76
CA ASN C 261 23.66 -27.12 -5.27
C ASN C 261 23.83 -26.81 -3.79
N TRP C 262 22.74 -26.95 -3.04
CA TRP C 262 22.65 -26.53 -1.66
C TRP C 262 23.78 -27.12 -0.82
N GLU C 263 23.90 -28.44 -0.83
CA GLU C 263 24.91 -29.14 -0.02
C GLU C 263 26.34 -28.86 -0.46
N GLU C 264 26.54 -28.73 -1.77
CA GLU C 264 27.84 -28.34 -2.34
C GLU C 264 28.29 -26.97 -1.80
N ARG C 265 27.41 -25.97 -1.95
CA ARG C 265 27.65 -24.61 -1.48
C ARG C 265 27.96 -24.56 0.02
N VAL C 266 27.13 -25.20 0.84
CA VAL C 266 27.32 -25.20 2.28
C VAL C 266 28.66 -25.82 2.69
N LYS C 267 29.02 -26.94 2.07
CA LYS C 267 30.28 -27.63 2.41
C LYS C 267 31.52 -26.81 2.06
N GLU C 268 31.56 -26.21 0.87
CA GLU C 268 32.70 -25.37 0.47
C GLU C 268 32.82 -24.03 1.23
N LEU C 269 31.71 -23.57 1.81
CA LEU C 269 31.64 -22.25 2.43
C LEU C 269 31.81 -22.35 3.94
N THR C 270 31.57 -23.55 4.47
CA THR C 270 31.67 -23.82 5.92
C THR C 270 32.96 -23.33 6.60
N PRO C 271 34.14 -23.46 5.93
CA PRO C 271 35.37 -22.97 6.58
C PRO C 271 35.45 -21.44 6.68
N TYR C 272 34.60 -20.74 5.91
CA TYR C 272 34.62 -19.27 5.82
C TYR C 272 33.58 -18.62 6.73
N GLN C 273 32.99 -19.42 7.61
CA GLN C 273 32.13 -18.89 8.68
C GLN C 273 32.86 -17.79 9.46
N VAL C 274 32.18 -16.66 9.66
CA VAL C 274 32.70 -15.62 10.56
C VAL C 274 32.42 -16.02 12.02
N ASN C 275 33.47 -16.50 12.66
CA ASN C 275 33.45 -16.84 14.07
C ASN C 275 34.45 -15.95 14.83
N MET C 276 34.53 -16.13 16.15
CA MET C 276 35.46 -15.33 16.94
C MET C 276 36.92 -15.56 16.56
N GLU C 277 37.25 -16.79 16.20
CA GLU C 277 38.56 -17.12 15.65
C GLU C 277 38.88 -16.36 14.38
N ALA C 278 37.90 -16.22 13.49
CA ALA C 278 38.04 -15.40 12.29
C ALA C 278 38.36 -13.93 12.63
N MET C 279 37.68 -13.39 13.65
CA MET C 279 37.93 -12.02 14.12
C MET C 279 39.35 -11.89 14.69
N LYS C 280 39.73 -12.88 15.50
CA LYS C 280 41.04 -12.99 16.12
C LYS C 280 42.16 -13.10 15.07
N LYS C 281 41.88 -13.82 13.99
CA LYS C 281 42.82 -13.97 12.87
C LYS C 281 43.19 -12.67 12.17
N THR C 282 42.32 -11.67 12.27
CA THR C 282 42.59 -10.36 11.64
C THR C 282 43.86 -9.70 12.20
N GLY C 283 44.09 -9.87 13.49
CA GLY C 283 45.21 -9.24 14.20
C GLY C 283 44.85 -7.87 14.74
N THR C 284 43.72 -7.35 14.26
CA THR C 284 43.29 -5.97 14.47
C THR C 284 42.86 -5.75 15.93
N PRO C 285 43.32 -4.64 16.54
CA PRO C 285 42.91 -4.24 17.90
C PRO C 285 41.40 -3.94 17.98
N ASP C 286 40.80 -4.31 19.11
CA ASP C 286 39.36 -4.11 19.38
C ASP C 286 38.74 -2.76 18.97
N ASP C 287 39.53 -1.69 19.05
CA ASP C 287 39.07 -0.34 18.73
C ASP C 287 39.19 -0.01 17.24
N GLN C 288 39.54 -1.01 16.43
CA GLN C 288 39.71 -0.82 15.00
C GLN C 288 39.01 -1.93 14.20
N LEU C 289 38.15 -2.70 14.86
CA LEU C 289 37.54 -3.87 14.23
C LEU C 289 36.03 -3.90 14.38
N ILE C 290 35.31 -4.00 13.26
CA ILE C 290 33.85 -4.17 13.30
C ILE C 290 33.35 -5.35 12.44
N PHE C 291 32.17 -5.85 12.76
CA PHE C 291 31.49 -6.84 11.95
C PHE C 291 30.24 -6.27 11.30
N MET C 292 30.02 -6.66 10.05
CA MET C 292 28.93 -6.16 9.22
C MET C 292 28.28 -7.29 8.43
N HIS C 293 26.97 -7.19 8.21
CA HIS C 293 26.21 -8.22 7.50
C HIS C 293 24.97 -7.51 6.96
N CYS C 294 24.75 -7.56 5.66
CA CYS C 294 23.64 -6.84 5.02
C CYS C 294 22.24 -7.36 5.42
N LEU C 295 22.21 -8.54 6.02
CA LEU C 295 20.99 -9.16 6.55
C LEU C 295 20.01 -9.62 5.46
N PRO C 296 19.09 -10.55 5.78
CA PRO C 296 18.98 -11.37 7.00
C PRO C 296 20.17 -12.31 7.19
N ALA C 297 20.50 -12.58 8.45
CA ALA C 297 21.60 -13.48 8.82
C ALA C 297 21.08 -14.76 9.47
N PHE C 298 21.73 -15.88 9.18
CA PHE C 298 21.49 -17.17 9.83
C PHE C 298 22.53 -17.33 10.93
N HIS C 299 22.21 -16.84 12.13
CA HIS C 299 23.14 -16.84 13.27
C HIS C 299 22.64 -17.67 14.47
N ASN C 300 21.43 -18.19 14.35
CA ASN C 300 20.79 -19.01 15.37
C ASN C 300 19.66 -19.84 14.78
N THR C 301 18.87 -20.42 15.67
CA THR C 301 17.89 -21.42 15.31
C THR C 301 16.48 -20.87 15.59
N ASP C 302 16.41 -19.55 15.79
CA ASP C 302 15.15 -18.80 15.97
C ASP C 302 14.40 -18.46 14.68
N THR C 303 14.41 -19.38 13.72
CA THR C 303 13.56 -19.30 12.54
C THR C 303 13.01 -20.68 12.18
N GLN C 304 11.87 -20.72 11.50
CA GLN C 304 11.32 -21.95 10.91
C GLN C 304 12.36 -22.62 10.01
N TYR C 305 13.04 -21.82 9.20
CA TYR C 305 14.09 -22.29 8.30
C TYR C 305 15.28 -22.85 9.08
N GLY C 306 15.70 -22.11 10.11
CA GLY C 306 16.83 -22.48 10.96
C GLY C 306 16.61 -23.81 11.65
N LYS C 307 15.36 -24.04 12.06
CA LYS C 307 14.96 -25.29 12.70
C LYS C 307 15.01 -26.49 11.75
N GLU C 308 14.56 -26.29 10.52
CA GLU C 308 14.62 -27.33 9.48
C GLU C 308 16.06 -27.68 9.10
N ILE C 309 16.94 -26.70 9.07
CA ILE C 309 18.37 -26.96 8.83
C ILE C 309 19.03 -27.69 10.02
N LYS C 310 18.61 -27.36 11.24
CA LYS C 310 19.19 -28.00 12.43
C LYS C 310 18.78 -29.48 12.48
N GLU C 311 17.51 -29.74 12.19
CA GLU C 311 17.02 -31.11 12.16
C GLU C 311 17.69 -31.96 11.07
N LYS C 312 17.72 -31.44 9.85
CA LYS C 312 18.27 -32.19 8.72
C LYS C 312 19.80 -32.38 8.79
N TYR C 313 20.51 -31.35 9.25
CA TYR C 313 21.98 -31.28 9.10
C TYR C 313 22.79 -31.08 10.38
N GLY C 314 22.12 -30.83 11.51
CA GLY C 314 22.82 -30.55 12.76
C GLY C 314 23.47 -29.17 12.79
N ILE C 315 23.19 -28.37 11.76
CA ILE C 315 23.76 -27.01 11.61
C ILE C 315 22.95 -26.03 12.44
N THR C 316 23.64 -25.22 13.23
CA THR C 316 22.99 -24.33 14.17
C THR C 316 23.20 -22.83 13.80
N GLU C 317 24.27 -22.59 13.06
CA GLU C 317 24.68 -21.27 12.63
C GLU C 317 25.38 -21.47 11.31
N MET C 318 25.26 -20.51 10.40
CA MET C 318 25.98 -20.58 9.12
C MET C 318 27.04 -19.50 8.99
N GLU C 319 26.81 -18.49 8.14
CA GLU C 319 27.82 -17.49 7.80
C GLU C 319 28.38 -16.70 8.99
N VAL C 320 27.62 -16.62 10.08
CA VAL C 320 28.09 -15.96 11.30
C VAL C 320 27.54 -16.66 12.53
N THR C 321 28.38 -16.81 13.54
CA THR C 321 27.96 -17.39 14.81
C THR C 321 27.15 -16.34 15.58
N ASP C 322 26.20 -16.82 16.38
CA ASP C 322 25.48 -15.96 17.30
C ASP C 322 26.47 -15.17 18.16
N GLU C 323 27.56 -15.83 18.54
CA GLU C 323 28.59 -15.18 19.35
C GLU C 323 29.16 -13.92 18.71
N VAL C 324 29.58 -14.00 17.44
CA VAL C 324 30.00 -12.80 16.72
C VAL C 324 28.84 -11.84 16.48
N PHE C 325 27.64 -12.37 16.23
CA PHE C 325 26.46 -11.55 15.91
C PHE C 325 26.07 -10.65 17.09
N THR C 326 26.31 -11.11 18.32
CA THR C 326 25.90 -10.39 19.53
C THR C 326 27.08 -9.81 20.31
N SER C 327 28.22 -9.63 19.63
CA SER C 327 29.46 -9.24 20.28
C SER C 327 29.69 -7.74 20.13
N LYS C 328 30.75 -7.25 20.77
CA LYS C 328 31.11 -5.83 20.75
C LYS C 328 31.51 -5.34 19.35
N TYR C 329 31.77 -6.27 18.43
CA TYR C 329 32.13 -5.93 17.04
C TYR C 329 30.92 -5.65 16.15
N ALA C 330 29.74 -6.05 16.60
CA ALA C 330 28.55 -6.07 15.75
C ALA C 330 28.05 -4.67 15.38
N ARG C 331 27.93 -4.39 14.07
CA ARG C 331 27.34 -3.14 13.57
C ARG C 331 26.20 -3.34 12.55
N GLN C 332 25.70 -4.58 12.40
CA GLN C 332 24.63 -4.93 11.44
C GLN C 332 23.39 -4.05 11.56
N PHE C 333 23.01 -3.77 12.81
CA PHE C 333 21.74 -3.11 13.08
C PHE C 333 21.84 -1.61 12.80
N GLU C 334 23.00 -1.03 13.10
CA GLU C 334 23.36 0.34 12.70
C GLU C 334 23.38 0.47 11.18
N GLU C 335 24.08 -0.47 10.55
CA GLU C 335 24.20 -0.59 9.10
C GLU C 335 22.82 -0.73 8.43
N ALA C 336 21.95 -1.49 9.08
CA ALA C 336 20.55 -1.67 8.62
C ALA C 336 19.76 -0.39 8.79
N GLU C 337 19.87 0.27 9.94
CA GLU C 337 19.22 1.58 10.10
C GLU C 337 19.73 2.55 9.04
N ASN C 338 21.04 2.49 8.76
CA ASN C 338 21.69 3.37 7.79
C ASN C 338 21.21 3.25 6.36
N ARG C 339 20.44 2.20 6.04
CA ARG C 339 19.77 2.04 4.73
C ARG C 339 18.87 3.24 4.48
N MET C 340 18.22 3.65 5.55
CA MET C 340 17.24 4.70 5.56
C MET C 340 17.92 6.06 5.37
N HIS C 341 18.89 6.35 6.24
CA HIS C 341 19.63 7.63 6.23
C HIS C 341 20.39 7.86 4.94
N SER C 342 20.96 6.79 4.39
CA SER C 342 21.68 6.88 3.11
C SER C 342 20.76 7.11 1.93
N ILE C 343 19.62 6.43 1.90
CA ILE C 343 18.59 6.63 0.85
C ILE C 343 18.02 8.07 0.88
N LYS C 344 17.81 8.59 2.10
CA LYS C 344 17.33 9.96 2.31
C LYS C 344 18.29 11.02 1.70
N ALA C 345 19.59 10.86 1.96
CA ALA C 345 20.62 11.70 1.35
C ALA C 345 20.61 11.63 -0.19
N MET C 346 20.51 10.40 -0.71
CA MET C 346 20.47 10.16 -2.15
C MET C 346 19.25 10.79 -2.83
N MET C 347 18.08 10.61 -2.23
CA MET C 347 16.83 11.21 -2.73
C MET C 347 16.82 12.73 -2.55
N ALA C 348 17.31 13.20 -1.41
CA ALA C 348 17.47 14.63 -1.14
C ALA C 348 18.39 15.36 -2.13
N ALA C 349 19.57 14.77 -2.43
CA ALA C 349 20.55 15.39 -3.37
C ALA C 349 20.04 15.47 -4.79
N THR C 350 19.33 14.42 -5.13
CA THR C 350 18.90 14.13 -6.46
C THR C 350 17.52 14.78 -6.81
N LEU C 351 16.67 15.04 -5.81
CA LEU C 351 15.33 15.60 -6.08
C LEU C 351 14.99 16.87 -5.27
N GLY C 352 15.72 17.10 -4.18
CA GLY C 352 15.40 18.19 -3.25
C GLY C 352 15.57 19.63 -3.75
N ASN C 353 16.08 19.79 -4.97
CA ASN C 353 16.49 21.11 -5.52
C ASN C 353 17.38 21.90 -4.55
N LEU C 354 18.20 21.19 -3.81
CA LEU C 354 19.17 21.81 -2.91
C LEU C 354 20.27 22.49 -3.69
N PHE C 355 20.79 23.60 -3.17
CA PHE C 355 22.02 24.24 -3.67
C PHE C 355 23.25 23.36 -3.39
N ILE C 356 23.81 22.79 -4.45
CA ILE C 356 25.06 22.02 -4.38
C ILE C 356 25.91 22.46 -5.60
N PRO C 357 26.65 23.57 -5.47
CA PRO C 357 27.43 24.09 -6.61
C PRO C 357 28.60 23.16 -6.97
N ARG C 358 29.17 22.52 -5.95
CA ARG C 358 30.34 21.70 -6.11
C ARG C 358 30.28 20.50 -5.15
N VAL C 359 30.72 19.35 -5.64
CA VAL C 359 30.55 18.11 -4.93
C VAL C 359 31.65 17.89 -3.87
NI NI D . 0.63 6.44 2.15
#